data_2GW1
#
_entry.id   2GW1
#
_cell.length_a   44.880
_cell.length_b   168.597
_cell.length_c   82.987
_cell.angle_alpha   90.00
_cell.angle_beta   102.59
_cell.angle_gamma   90.00
#
_symmetry.space_group_name_H-M   'P 1 21 1'
#
loop_
_entity.id
_entity.type
_entity.pdbx_description
1 polymer 'Mitochondrial precursor proteins import receptor'
2 water water
#
_entity_poly.entity_id   1
_entity_poly.type   'polypeptide(L)'
_entity_poly.pdbx_seq_one_letter_code
;EKDKYALALKDKGNQFFRNKKYDDAIKYYNWALELKEDPVFYSNLSACYVSVGDLKKVVEMSTKALELKPDYSKVLLRRA
SANEGLGKFADAMFDLSVLSLNGDFNDASIEPMLERNLNKQAMSKLKEKFGDIDTATATPTELSTQPAKERKDKQENLPS
VTSMASFFGIFKPELTFANYDESNEADKELMNGLSNLYKRSPESYDKADESFTKAARLFEEQLDKNNEDEKLKEKLAISL
EHTGIFKFLKNDPLGAHEDIKKAIELFPRVNSYIYMALIMADRNDSTEYYNYFDKALKLDSNNSSVYYHRGQMNFILQNY
DQAGKDFDKAKELDPENIFPYIQLACLAYRENKFDDCETLFSEAKRKFPEAPEVPNFFAEILTDKNDFDKALKQYDLAIE
LENKLDGIYVGIAPLVGKATLLTRNPTVENFIEATNLLEKASKLDPRSEQAKIGLAQMKLQQEDIDEAITLFEESADLAR
TMEEKLQAITFAEAAKVQQRIRSDPVLAKKIQET
;
_entity_poly.pdbx_strand_id   A,B
#
# COMPACT_ATOMS: atom_id res chain seq x y z
N GLU A 1 -54.45 25.77 18.45
CA GLU A 1 -53.97 24.81 19.48
C GLU A 1 -53.58 23.49 18.81
N LYS A 2 -53.22 23.57 17.53
CA LYS A 2 -52.81 22.40 16.77
C LYS A 2 -51.56 21.82 17.42
N ASP A 3 -50.76 22.70 18.01
CA ASP A 3 -49.54 22.33 18.69
C ASP A 3 -49.90 21.39 19.84
N LYS A 4 -51.15 21.47 20.28
CA LYS A 4 -51.63 20.61 21.36
C LYS A 4 -51.54 19.16 20.92
N TYR A 5 -52.15 18.85 19.77
CA TYR A 5 -52.10 17.49 19.25
C TYR A 5 -50.86 17.29 18.39
N ALA A 6 -50.08 18.36 18.21
CA ALA A 6 -48.84 18.24 17.43
C ALA A 6 -47.88 17.64 18.42
N LEU A 7 -47.93 18.19 19.63
CA LEU A 7 -47.13 17.78 20.75
C LEU A 7 -47.65 16.42 21.20
N ALA A 8 -48.97 16.30 21.24
CA ALA A 8 -49.63 15.06 21.65
C ALA A 8 -49.17 13.91 20.77
N LEU A 9 -49.22 14.11 19.45
CA LEU A 9 -48.80 13.06 18.53
C LEU A 9 -47.36 12.65 18.78
N LYS A 10 -46.47 13.63 18.81
CA LYS A 10 -45.06 13.36 19.05
C LYS A 10 -44.91 12.40 20.21
N ASP A 11 -45.39 12.81 21.38
CA ASP A 11 -45.31 12.00 22.59
C ASP A 11 -45.88 10.61 22.40
N LYS A 12 -47.10 10.54 21.87
CA LYS A 12 -47.75 9.26 21.65
C LYS A 12 -46.86 8.43 20.72
N GLY A 13 -46.17 9.13 19.83
CA GLY A 13 -45.27 8.45 18.90
C GLY A 13 -44.02 8.00 19.64
N ASN A 14 -43.48 8.87 20.49
CA ASN A 14 -42.29 8.57 21.26
C ASN A 14 -42.44 7.23 21.97
N GLN A 15 -43.67 6.90 22.33
CA GLN A 15 -43.93 5.64 23.02
C GLN A 15 -43.93 4.49 22.01
N PHE A 16 -44.62 4.69 20.89
CA PHE A 16 -44.66 3.68 19.84
C PHE A 16 -43.25 3.38 19.40
N PHE A 17 -42.32 4.21 19.86
CA PHE A 17 -40.91 4.08 19.56
C PHE A 17 -40.25 3.35 20.72
N ARG A 18 -40.60 3.77 21.93
CA ARG A 18 -40.07 3.19 23.15
C ARG A 18 -40.19 1.68 23.19
N ASN A 19 -41.34 1.16 22.78
CA ASN A 19 -41.57 -0.27 22.77
C ASN A 19 -41.15 -0.93 21.45
N LYS A 20 -40.13 -0.37 20.83
CA LYS A 20 -39.59 -0.88 19.57
C LYS A 20 -40.59 -0.96 18.43
N LYS A 21 -41.82 -0.53 18.65
CA LYS A 21 -42.83 -0.57 17.60
C LYS A 21 -42.58 0.63 16.68
N TYR A 22 -41.34 0.74 16.22
CA TYR A 22 -40.89 1.83 15.36
C TYR A 22 -41.84 2.14 14.20
N ASP A 23 -42.18 1.13 13.43
CA ASP A 23 -43.07 1.29 12.29
C ASP A 23 -44.24 2.19 12.67
N ASP A 24 -44.72 2.03 13.90
CA ASP A 24 -45.83 2.81 14.41
C ASP A 24 -45.49 4.29 14.53
N ALA A 25 -44.56 4.61 15.42
CA ALA A 25 -44.12 5.98 15.66
C ALA A 25 -44.02 6.85 14.41
N ILE A 26 -43.28 6.36 13.41
CA ILE A 26 -43.09 7.08 12.15
C ILE A 26 -44.33 7.85 11.71
N LYS A 27 -45.47 7.15 11.68
CA LYS A 27 -46.74 7.77 11.27
C LYS A 27 -47.04 8.99 12.13
N TYR A 28 -47.19 8.77 13.43
CA TYR A 28 -47.48 9.86 14.36
C TYR A 28 -46.56 11.05 14.15
N TYR A 29 -45.36 10.78 13.64
CA TYR A 29 -44.40 11.83 13.38
C TYR A 29 -44.73 12.49 12.04
N ASN A 30 -45.06 11.66 11.05
CA ASN A 30 -45.41 12.14 9.72
C ASN A 30 -46.65 13.02 9.74
N TRP A 31 -47.61 12.67 10.59
CA TRP A 31 -48.84 13.45 10.68
C TRP A 31 -48.70 14.65 11.60
N ALA A 32 -47.83 14.52 12.60
CA ALA A 32 -47.59 15.63 13.52
C ALA A 32 -46.93 16.74 12.71
N LEU A 33 -46.30 16.35 11.61
CA LEU A 33 -45.63 17.29 10.73
C LEU A 33 -46.66 18.09 9.96
N GLU A 34 -47.88 17.56 9.87
CA GLU A 34 -48.96 18.24 9.17
C GLU A 34 -49.41 19.46 9.95
N LEU A 35 -49.34 19.35 11.28
CA LEU A 35 -49.72 20.44 12.16
C LEU A 35 -48.61 21.49 12.21
N LYS A 36 -47.42 21.07 12.59
CA LYS A 36 -46.27 21.96 12.66
C LYS A 36 -45.02 21.29 12.12
N GLU A 37 -44.25 22.02 11.31
CA GLU A 37 -43.02 21.49 10.75
C GLU A 37 -41.86 21.74 11.69
N ASP A 38 -41.85 21.05 12.82
CA ASP A 38 -40.80 21.19 13.81
C ASP A 38 -39.67 20.22 13.51
N PRO A 39 -38.42 20.72 13.51
CA PRO A 39 -37.24 19.90 13.24
C PRO A 39 -37.23 18.59 14.02
N VAL A 40 -37.51 18.69 15.31
CA VAL A 40 -37.52 17.53 16.19
C VAL A 40 -38.33 16.36 15.64
N PHE A 41 -39.36 16.65 14.85
CA PHE A 41 -40.16 15.59 14.27
C PHE A 41 -39.31 14.83 13.25
N TYR A 42 -38.47 15.57 12.52
CA TYR A 42 -37.59 14.96 11.53
C TYR A 42 -36.49 14.21 12.25
N SER A 43 -35.93 14.83 13.27
CA SER A 43 -34.87 14.20 14.06
C SER A 43 -35.38 12.87 14.57
N ASN A 44 -36.60 12.88 15.09
CA ASN A 44 -37.23 11.68 15.62
C ASN A 44 -37.47 10.66 14.51
N LEU A 45 -37.72 11.15 13.30
CA LEU A 45 -37.95 10.28 12.17
C LEU A 45 -36.64 9.55 11.87
N SER A 46 -35.62 10.32 11.50
CA SER A 46 -34.31 9.76 11.20
C SER A 46 -33.85 8.79 12.28
N ALA A 47 -34.14 9.14 13.54
CA ALA A 47 -33.76 8.32 14.67
C ALA A 47 -34.33 6.91 14.62
N CYS A 48 -35.63 6.80 14.36
CA CYS A 48 -36.28 5.50 14.29
C CYS A 48 -35.85 4.73 13.05
N TYR A 49 -35.79 5.42 11.91
CA TYR A 49 -35.37 4.76 10.67
C TYR A 49 -34.02 4.09 10.86
N VAL A 50 -33.27 4.55 11.85
CA VAL A 50 -31.96 3.98 12.15
C VAL A 50 -32.19 2.59 12.72
N SER A 51 -33.02 2.54 13.76
CA SER A 51 -33.36 1.29 14.42
C SER A 51 -33.94 0.29 13.42
N VAL A 52 -34.55 0.81 12.36
CA VAL A 52 -35.13 -0.04 11.32
C VAL A 52 -34.06 -0.41 10.30
N GLY A 53 -33.03 0.41 10.18
CA GLY A 53 -31.97 0.11 9.24
C GLY A 53 -32.08 0.82 7.90
N ASP A 54 -33.07 1.69 7.77
CA ASP A 54 -33.27 2.44 6.53
C ASP A 54 -32.33 3.64 6.52
N LEU A 55 -31.17 3.49 5.89
CA LEU A 55 -30.19 4.58 5.86
C LEU A 55 -30.51 5.70 4.86
N LYS A 56 -30.98 5.34 3.67
CA LYS A 56 -31.31 6.35 2.67
C LYS A 56 -32.39 7.29 3.23
N LYS A 57 -33.21 6.77 4.14
CA LYS A 57 -34.26 7.57 4.76
C LYS A 57 -33.63 8.41 5.88
N VAL A 58 -32.78 7.78 6.67
CA VAL A 58 -32.10 8.47 7.76
C VAL A 58 -31.38 9.70 7.19
N VAL A 59 -30.76 9.52 6.03
CA VAL A 59 -30.03 10.60 5.39
C VAL A 59 -30.97 11.67 4.84
N GLU A 60 -32.22 11.30 4.57
CA GLU A 60 -33.18 12.27 4.06
C GLU A 60 -33.76 13.08 5.21
N MET A 61 -34.46 12.39 6.11
CA MET A 61 -35.06 13.03 7.27
C MET A 61 -34.05 13.87 8.03
N SER A 62 -32.82 13.37 8.15
CA SER A 62 -31.76 14.08 8.84
C SER A 62 -31.50 15.41 8.15
N THR A 63 -31.45 15.38 6.82
CA THR A 63 -31.20 16.58 6.05
C THR A 63 -32.34 17.57 6.25
N LYS A 64 -33.57 17.13 6.01
CA LYS A 64 -34.73 17.98 6.19
C LYS A 64 -34.66 18.66 7.56
N ALA A 65 -34.30 17.88 8.57
CA ALA A 65 -34.20 18.40 9.92
C ALA A 65 -33.17 19.53 9.97
N LEU A 66 -31.93 19.20 9.62
CA LEU A 66 -30.87 20.20 9.62
C LEU A 66 -31.26 21.41 8.79
N GLU A 67 -31.89 21.16 7.64
CA GLU A 67 -32.32 22.25 6.76
C GLU A 67 -33.16 23.31 7.45
N LEU A 68 -33.77 22.96 8.57
CA LEU A 68 -34.60 23.90 9.32
C LEU A 68 -33.90 24.29 10.61
N LYS A 69 -32.83 23.58 10.93
CA LYS A 69 -32.07 23.85 12.14
C LYS A 69 -30.63 23.34 11.99
N PRO A 70 -29.76 24.18 11.40
CA PRO A 70 -28.34 23.82 11.19
C PRO A 70 -27.66 23.32 12.46
N ASP A 71 -27.79 24.07 13.56
CA ASP A 71 -27.19 23.69 14.82
C ASP A 71 -27.89 22.44 15.37
N TYR A 72 -27.55 21.27 14.83
CA TYR A 72 -28.16 20.02 15.25
C TYR A 72 -27.17 18.87 15.16
N SER A 73 -26.16 18.88 16.03
CA SER A 73 -25.14 17.83 16.05
C SER A 73 -25.73 16.43 16.11
N LYS A 74 -26.53 16.17 17.13
CA LYS A 74 -27.18 14.87 17.33
C LYS A 74 -27.70 14.31 16.01
N VAL A 75 -28.10 15.19 15.09
CA VAL A 75 -28.62 14.79 13.79
C VAL A 75 -27.52 14.69 12.75
N LEU A 76 -26.71 15.74 12.66
CA LEU A 76 -25.61 15.79 11.70
C LEU A 76 -24.68 14.59 11.86
N LEU A 77 -24.35 14.26 13.11
CA LEU A 77 -23.48 13.14 13.38
C LEU A 77 -24.16 11.86 12.94
N ARG A 78 -25.48 11.84 13.00
CA ARG A 78 -26.26 10.68 12.59
C ARG A 78 -26.19 10.53 11.07
N ARG A 79 -26.23 11.64 10.36
CA ARG A 79 -26.16 11.60 8.90
C ARG A 79 -24.74 11.20 8.49
N ALA A 80 -23.76 11.62 9.29
CA ALA A 80 -22.37 11.30 9.01
C ALA A 80 -22.20 9.79 9.06
N SER A 81 -22.88 9.16 10.02
CA SER A 81 -22.79 7.71 10.16
C SER A 81 -23.65 7.02 9.12
N ALA A 82 -24.85 7.58 8.87
CA ALA A 82 -25.75 7.02 7.87
C ALA A 82 -25.06 7.06 6.52
N ASN A 83 -24.34 8.15 6.26
CA ASN A 83 -23.64 8.28 4.98
C ASN A 83 -22.58 7.19 4.87
N GLU A 84 -21.87 6.93 5.97
CA GLU A 84 -20.82 5.90 5.97
C GLU A 84 -21.45 4.55 5.65
N GLY A 85 -22.68 4.34 6.13
CA GLY A 85 -23.36 3.09 5.88
C GLY A 85 -23.61 2.89 4.40
N LEU A 86 -24.04 3.96 3.73
CA LEU A 86 -24.31 3.89 2.30
C LEU A 86 -22.98 3.85 1.54
N GLY A 87 -21.89 3.86 2.28
CA GLY A 87 -20.57 3.82 1.66
C GLY A 87 -20.13 5.17 1.10
N LYS A 88 -20.90 6.22 1.39
CA LYS A 88 -20.58 7.56 0.91
C LYS A 88 -19.59 8.22 1.86
N PHE A 89 -18.35 7.76 1.78
CA PHE A 89 -17.25 8.24 2.62
C PHE A 89 -16.99 9.74 2.50
N ALA A 90 -16.95 10.25 1.27
CA ALA A 90 -16.69 11.66 1.03
C ALA A 90 -17.65 12.53 1.87
N ASP A 91 -18.93 12.25 1.78
CA ASP A 91 -19.92 13.01 2.53
C ASP A 91 -19.75 12.75 4.02
N ALA A 92 -19.34 11.53 4.35
CA ALA A 92 -19.14 11.14 5.74
C ALA A 92 -18.11 12.04 6.40
N MET A 93 -17.05 12.37 5.66
CA MET A 93 -16.01 13.24 6.20
C MET A 93 -16.45 14.69 6.17
N PHE A 94 -17.27 15.05 5.19
CA PHE A 94 -17.77 16.41 5.09
C PHE A 94 -18.61 16.74 6.32
N ASP A 95 -19.61 15.91 6.59
CA ASP A 95 -20.49 16.11 7.75
C ASP A 95 -19.67 16.15 9.04
N LEU A 96 -18.70 15.25 9.16
CA LEU A 96 -17.85 15.19 10.34
C LEU A 96 -16.96 16.43 10.44
N SER A 97 -16.41 16.85 9.31
CA SER A 97 -15.54 18.02 9.28
C SER A 97 -16.33 19.27 9.65
N VAL A 98 -17.54 19.38 9.12
CA VAL A 98 -18.39 20.52 9.43
C VAL A 98 -18.71 20.46 10.92
N LEU A 99 -18.82 19.25 11.44
CA LEU A 99 -19.14 19.03 12.83
C LEU A 99 -17.98 19.40 13.74
N SER A 100 -16.76 19.07 13.33
CA SER A 100 -15.58 19.37 14.12
C SER A 100 -15.42 20.87 14.35
N LEU A 101 -16.05 21.67 13.48
CA LEU A 101 -15.99 23.12 13.61
C LEU A 101 -17.15 23.66 14.44
N ASN A 102 -18.32 23.76 13.81
CA ASN A 102 -19.53 24.27 14.45
C ASN A 102 -19.64 23.94 15.94
N GLY A 103 -20.44 22.94 16.27
CA GLY A 103 -20.60 22.56 17.67
C GLY A 103 -19.23 22.32 18.27
N ASP A 104 -19.17 22.34 19.61
CA ASP A 104 -17.90 22.12 20.30
C ASP A 104 -17.69 20.66 20.68
N PHE A 105 -18.13 19.76 19.79
CA PHE A 105 -17.97 18.33 20.00
C PHE A 105 -16.48 17.98 19.99
N ASN A 106 -15.91 17.97 18.79
CA ASN A 106 -14.48 17.66 18.61
C ASN A 106 -13.99 16.58 19.56
N ASP A 107 -12.75 16.74 20.03
CA ASP A 107 -12.15 15.78 20.96
C ASP A 107 -11.94 14.43 20.27
N ALA A 108 -11.12 13.59 20.89
CA ALA A 108 -10.80 12.27 20.36
C ALA A 108 -12.01 11.39 20.08
N SER A 109 -13.20 11.99 20.06
CA SER A 109 -14.43 11.26 19.81
C SER A 109 -14.79 11.14 18.33
N ILE A 110 -14.65 12.24 17.59
CA ILE A 110 -14.97 12.26 16.17
C ILE A 110 -13.73 12.09 15.29
N GLU A 111 -12.56 12.39 15.86
CA GLU A 111 -11.30 12.27 15.13
C GLU A 111 -11.17 10.89 14.48
N PRO A 112 -11.32 9.82 15.27
CA PRO A 112 -11.20 8.45 14.75
C PRO A 112 -12.19 8.15 13.63
N MET A 113 -13.38 8.71 13.73
CA MET A 113 -14.41 8.50 12.73
C MET A 113 -13.92 8.99 11.38
N LEU A 114 -13.33 10.18 11.37
CA LEU A 114 -12.79 10.76 10.14
C LEU A 114 -11.71 9.84 9.58
N GLU A 115 -10.78 9.44 10.44
CA GLU A 115 -9.69 8.56 10.03
C GLU A 115 -10.22 7.31 9.33
N ARG A 116 -11.21 6.66 9.94
CA ARG A 116 -11.77 5.46 9.35
C ARG A 116 -12.37 5.75 7.98
N ASN A 117 -13.17 6.80 7.89
CA ASN A 117 -13.77 7.18 6.62
C ASN A 117 -12.71 7.54 5.59
N LEU A 118 -11.82 8.46 5.95
CA LEU A 118 -10.76 8.85 5.05
C LEU A 118 -10.07 7.60 4.52
N ASN A 119 -9.81 6.67 5.44
CA ASN A 119 -9.16 5.41 5.13
C ASN A 119 -9.91 4.66 4.03
N LYS A 120 -11.15 4.30 4.33
CA LYS A 120 -12.00 3.58 3.38
C LYS A 120 -12.09 4.34 2.05
N GLN A 121 -12.15 5.67 2.14
CA GLN A 121 -12.24 6.51 0.95
C GLN A 121 -10.98 6.36 0.10
N ALA A 122 -9.82 6.48 0.75
CA ALA A 122 -8.54 6.36 0.06
C ALA A 122 -8.40 4.98 -0.55
N MET A 123 -8.65 3.96 0.27
CA MET A 123 -8.53 2.58 -0.19
C MET A 123 -9.46 2.34 -1.37
N SER A 124 -10.63 2.96 -1.32
CA SER A 124 -11.60 2.80 -2.40
C SER A 124 -11.06 3.43 -3.68
N LYS A 125 -10.64 4.69 -3.59
CA LYS A 125 -10.09 5.41 -4.74
C LYS A 125 -8.89 4.66 -5.30
N LEU A 126 -8.04 4.15 -4.42
CA LEU A 126 -6.87 3.40 -4.87
C LEU A 126 -7.30 2.26 -5.78
N LYS A 127 -8.41 1.61 -5.45
CA LYS A 127 -8.87 0.50 -6.27
C LYS A 127 -9.38 0.87 -7.67
N GLU A 128 -9.60 2.15 -7.94
CA GLU A 128 -10.01 2.54 -9.29
C GLU A 128 -8.66 2.65 -9.96
N LYS A 129 -7.62 2.67 -9.12
CA LYS A 129 -6.21 2.75 -9.50
C LYS A 129 -5.87 3.50 -10.79
N ASN A 157 1.90 -17.36 3.19
CA ASN A 157 1.27 -18.65 3.36
C ASN A 157 -0.11 -18.66 2.68
N LEU A 158 -0.61 -19.85 2.38
CA LEU A 158 -1.90 -20.03 1.72
C LEU A 158 -2.99 -19.08 2.20
N PRO A 159 -3.82 -18.59 1.26
CA PRO A 159 -4.93 -17.67 1.57
C PRO A 159 -6.09 -18.40 2.25
N SER A 160 -7.15 -17.66 2.54
CA SER A 160 -8.33 -18.23 3.19
C SER A 160 -8.74 -19.55 2.54
N VAL A 161 -9.26 -20.46 3.36
CA VAL A 161 -9.70 -21.75 2.86
C VAL A 161 -10.97 -21.55 2.04
N THR A 162 -11.76 -20.55 2.43
CA THR A 162 -13.00 -20.25 1.73
C THR A 162 -12.76 -19.75 0.31
N SER A 163 -11.55 -19.25 0.07
CA SER A 163 -11.18 -18.75 -1.25
C SER A 163 -10.75 -19.92 -2.12
N MET A 164 -9.89 -20.77 -1.56
CA MET A 164 -9.40 -21.95 -2.26
C MET A 164 -10.59 -22.63 -2.90
N ALA A 165 -11.59 -22.92 -2.05
CA ALA A 165 -12.81 -23.58 -2.46
C ALA A 165 -13.49 -22.90 -3.64
N SER A 166 -13.57 -21.57 -3.60
CA SER A 166 -14.21 -20.82 -4.67
C SER A 166 -13.34 -20.78 -5.92
N PHE A 167 -12.04 -21.01 -5.74
CA PHE A 167 -11.09 -21.00 -6.84
C PHE A 167 -11.08 -22.32 -7.62
N PHE A 168 -11.06 -23.44 -6.89
CA PHE A 168 -11.03 -24.76 -7.54
C PHE A 168 -12.42 -25.31 -7.87
N GLY A 169 -13.46 -24.56 -7.55
CA GLY A 169 -14.81 -25.00 -7.82
C GLY A 169 -15.24 -24.98 -9.27
N ILE A 170 -14.43 -24.40 -10.14
CA ILE A 170 -14.80 -24.33 -11.55
C ILE A 170 -14.27 -25.54 -12.31
N PHE A 171 -13.41 -26.33 -11.67
CA PHE A 171 -12.82 -27.49 -12.33
C PHE A 171 -13.52 -28.82 -12.04
N LYS A 172 -13.40 -29.77 -12.97
CA LYS A 172 -13.96 -31.10 -12.75
C LYS A 172 -12.92 -31.75 -11.87
N PRO A 173 -13.34 -32.33 -10.74
CA PRO A 173 -12.37 -32.96 -9.85
C PRO A 173 -11.66 -34.17 -10.42
N GLU A 174 -10.33 -34.12 -10.46
CA GLU A 174 -9.54 -35.24 -10.95
C GLU A 174 -9.39 -36.16 -9.77
N LEU A 175 -9.16 -37.44 -10.04
CA LEU A 175 -9.02 -38.42 -8.98
C LEU A 175 -8.37 -39.65 -9.59
N THR A 176 -8.11 -39.59 -10.89
CA THR A 176 -7.52 -40.72 -11.61
C THR A 176 -6.01 -40.68 -11.87
N PHE A 177 -5.64 -40.05 -12.99
CA PHE A 177 -4.27 -39.95 -13.48
C PHE A 177 -3.71 -41.33 -13.82
N ALA A 178 -3.47 -41.51 -15.12
CA ALA A 178 -3.00 -42.75 -15.71
C ALA A 178 -1.83 -43.48 -15.04
N ASN A 179 -1.72 -44.75 -15.39
CA ASN A 179 -0.68 -45.62 -14.85
C ASN A 179 -0.61 -45.38 -13.35
N TYR A 180 -1.76 -45.14 -12.73
CA TYR A 180 -1.81 -44.85 -11.31
C TYR A 180 -0.89 -45.76 -10.46
N ASP A 181 -0.16 -45.11 -9.56
CA ASP A 181 0.78 -45.74 -8.63
C ASP A 181 1.42 -47.04 -9.10
N GLU A 182 2.08 -47.63 -8.12
CA GLU A 182 2.75 -48.94 -8.06
C GLU A 182 3.03 -48.93 -6.58
N SER A 183 3.93 -49.75 -6.10
CA SER A 183 4.20 -49.68 -4.68
C SER A 183 5.08 -48.42 -4.51
N ASN A 184 4.86 -47.44 -5.38
CA ASN A 184 5.63 -46.19 -5.38
C ASN A 184 5.07 -45.08 -4.49
N GLU A 185 5.92 -44.58 -3.60
CA GLU A 185 5.54 -43.52 -2.67
C GLU A 185 5.17 -42.20 -3.34
N ALA A 186 5.87 -41.87 -4.43
CA ALA A 186 5.59 -40.63 -5.14
C ALA A 186 4.20 -40.71 -5.75
N ASP A 187 3.93 -41.80 -6.45
CA ASP A 187 2.63 -42.02 -7.07
C ASP A 187 1.51 -41.97 -6.03
N LYS A 188 1.85 -42.30 -4.78
CA LYS A 188 0.86 -42.28 -3.71
C LYS A 188 0.64 -40.87 -3.21
N GLU A 189 1.71 -40.09 -3.07
CA GLU A 189 1.61 -38.71 -2.61
C GLU A 189 0.72 -37.95 -3.58
N LEU A 190 0.94 -38.17 -4.87
CA LEU A 190 0.16 -37.49 -5.90
C LEU A 190 -1.32 -37.75 -5.63
N MET A 191 -1.68 -39.02 -5.44
CA MET A 191 -3.07 -39.39 -5.18
C MET A 191 -3.59 -38.71 -3.93
N ASN A 192 -2.78 -38.70 -2.88
CA ASN A 192 -3.15 -38.08 -1.62
C ASN A 192 -3.53 -36.62 -1.85
N GLY A 193 -2.59 -35.85 -2.38
CA GLY A 193 -2.85 -34.44 -2.63
C GLY A 193 -3.96 -34.23 -3.63
N LEU A 194 -3.91 -34.95 -4.74
CA LEU A 194 -4.93 -34.84 -5.78
C LEU A 194 -6.31 -35.15 -5.19
N SER A 195 -6.33 -35.95 -4.13
CA SER A 195 -7.58 -36.31 -3.45
C SER A 195 -7.97 -35.19 -2.49
N ASN A 196 -7.01 -34.72 -1.71
CA ASN A 196 -7.24 -33.65 -0.75
C ASN A 196 -7.51 -32.31 -1.43
N LEU A 197 -7.14 -32.19 -2.71
CA LEU A 197 -7.37 -30.95 -3.43
C LEU A 197 -8.88 -30.73 -3.38
N TYR A 198 -9.61 -31.58 -4.08
CA TYR A 198 -11.06 -31.51 -4.10
C TYR A 198 -11.52 -32.04 -2.74
N LYS A 199 -12.74 -32.55 -2.65
CA LYS A 199 -13.26 -33.08 -1.38
C LYS A 199 -13.42 -32.00 -0.31
N ARG A 200 -13.60 -30.75 -0.75
CA ARG A 200 -13.78 -29.62 0.16
C ARG A 200 -13.10 -29.86 1.50
N SER A 201 -13.88 -29.74 2.58
CA SER A 201 -13.40 -29.95 3.95
C SER A 201 -12.17 -29.11 4.33
N PRO A 202 -12.14 -28.61 5.57
CA PRO A 202 -11.03 -27.80 6.07
C PRO A 202 -9.73 -28.61 6.06
N GLU A 203 -8.60 -27.92 6.12
CA GLU A 203 -7.31 -28.60 6.15
C GLU A 203 -7.05 -29.45 4.90
N SER A 204 -8.11 -29.83 4.22
CA SER A 204 -7.99 -30.64 3.02
C SER A 204 -7.09 -29.96 1.99
N TYR A 205 -7.19 -28.63 1.90
CA TYR A 205 -6.39 -27.85 0.96
C TYR A 205 -4.93 -27.78 1.39
N ASP A 206 -4.69 -27.56 2.68
CA ASP A 206 -3.32 -27.51 3.19
C ASP A 206 -2.65 -28.86 3.00
N LYS A 207 -3.43 -29.92 3.18
CA LYS A 207 -2.96 -31.29 3.04
C LYS A 207 -2.51 -31.54 1.60
N ALA A 208 -3.38 -31.20 0.65
CA ALA A 208 -3.09 -31.39 -0.76
C ALA A 208 -1.77 -30.70 -1.15
N ASP A 209 -1.56 -29.51 -0.61
CA ASP A 209 -0.37 -28.72 -0.90
C ASP A 209 0.92 -29.45 -0.58
N GLU A 210 1.09 -29.81 0.69
CA GLU A 210 2.28 -30.51 1.13
C GLU A 210 2.54 -31.79 0.34
N SER A 211 1.49 -32.58 0.15
CA SER A 211 1.61 -33.84 -0.58
C SER A 211 1.97 -33.63 -2.05
N PHE A 212 1.42 -32.58 -2.65
CA PHE A 212 1.70 -32.26 -4.05
C PHE A 212 3.18 -31.91 -4.22
N THR A 213 3.67 -31.03 -3.36
CA THR A 213 5.06 -30.61 -3.39
C THR A 213 5.97 -31.82 -3.21
N LYS A 214 5.61 -32.69 -2.28
CA LYS A 214 6.42 -33.88 -2.03
C LYS A 214 6.43 -34.78 -3.26
N ALA A 215 5.24 -34.98 -3.84
CA ALA A 215 5.11 -35.80 -5.04
C ALA A 215 6.04 -35.24 -6.12
N ALA A 216 6.25 -33.93 -6.08
CA ALA A 216 7.12 -33.27 -7.05
C ALA A 216 8.59 -33.61 -6.75
N ARG A 217 8.96 -33.58 -5.47
CA ARG A 217 10.33 -33.91 -5.10
C ARG A 217 10.71 -35.31 -5.57
N LEU A 218 9.85 -36.27 -5.29
CA LEU A 218 10.09 -37.67 -5.64
C LEU A 218 10.19 -37.92 -7.13
N PHE A 219 9.11 -37.66 -7.86
CA PHE A 219 9.11 -37.84 -9.30
C PHE A 219 10.34 -37.16 -9.88
N GLU A 220 10.56 -35.91 -9.48
CA GLU A 220 11.70 -35.10 -9.94
C GLU A 220 12.99 -35.90 -9.78
N GLU A 221 13.03 -36.73 -8.73
CA GLU A 221 14.20 -37.55 -8.45
C GLU A 221 14.18 -38.81 -9.31
N GLN A 222 13.03 -39.48 -9.36
CA GLN A 222 12.89 -40.69 -10.16
C GLN A 222 13.19 -40.43 -11.64
N LEU A 223 12.88 -39.21 -12.08
CA LEU A 223 13.09 -38.82 -13.47
C LEU A 223 14.55 -38.90 -13.91
N ASP A 224 15.47 -38.81 -12.95
CA ASP A 224 16.89 -38.87 -13.30
C ASP A 224 17.36 -40.31 -13.50
N LYS A 225 16.55 -41.27 -13.05
CA LYS A 225 16.88 -42.68 -13.21
C LYS A 225 16.36 -43.10 -14.57
N ASN A 226 15.41 -42.31 -15.08
CA ASN A 226 14.80 -42.55 -16.40
C ASN A 226 14.59 -41.19 -17.06
N ASN A 227 15.70 -40.56 -17.44
CA ASN A 227 15.67 -39.24 -18.08
C ASN A 227 14.78 -39.21 -19.32
N GLU A 228 14.52 -40.38 -19.89
CA GLU A 228 13.68 -40.48 -21.09
C GLU A 228 12.48 -41.39 -20.88
N ASP A 229 11.76 -41.15 -19.79
CA ASP A 229 10.58 -41.94 -19.45
C ASP A 229 9.33 -41.14 -19.78
N GLU A 230 8.29 -41.80 -20.25
CA GLU A 230 7.04 -41.12 -20.60
C GLU A 230 6.07 -41.04 -19.42
N LYS A 231 5.82 -42.17 -18.78
CA LYS A 231 4.90 -42.21 -17.65
C LYS A 231 5.38 -41.36 -16.48
N LEU A 232 6.70 -41.23 -16.33
CA LEU A 232 7.25 -40.42 -15.25
C LEU A 232 7.05 -38.93 -15.49
N LYS A 233 7.25 -38.51 -16.73
CA LYS A 233 7.08 -37.10 -17.07
C LYS A 233 5.63 -36.69 -16.84
N GLU A 234 4.70 -37.46 -17.40
CA GLU A 234 3.28 -37.16 -17.23
C GLU A 234 2.94 -37.02 -15.75
N LYS A 235 3.39 -37.96 -14.94
CA LYS A 235 3.13 -37.93 -13.50
C LYS A 235 3.77 -36.71 -12.86
N LEU A 236 5.05 -36.50 -13.09
CA LEU A 236 5.76 -35.36 -12.53
C LEU A 236 5.24 -34.06 -13.15
N ALA A 237 4.58 -34.19 -14.30
CA ALA A 237 4.01 -33.06 -14.99
C ALA A 237 2.83 -32.55 -14.18
N ILE A 238 1.81 -33.40 -14.04
CA ILE A 238 0.63 -33.05 -13.27
C ILE A 238 1.03 -32.73 -11.84
N SER A 239 2.13 -33.33 -11.39
CA SER A 239 2.65 -33.09 -10.05
C SER A 239 3.05 -31.62 -9.91
N LEU A 240 3.82 -31.12 -10.87
CA LEU A 240 4.27 -29.74 -10.87
C LEU A 240 3.14 -28.82 -11.32
N GLU A 241 2.28 -29.29 -12.21
CA GLU A 241 1.19 -28.45 -12.63
C GLU A 241 0.44 -27.95 -11.40
N HIS A 242 0.44 -28.73 -10.32
CA HIS A 242 -0.25 -28.33 -9.08
C HIS A 242 0.64 -27.58 -8.10
N THR A 243 1.92 -27.91 -8.06
CA THR A 243 2.82 -27.23 -7.14
C THR A 243 2.86 -25.75 -7.46
N GLY A 244 2.94 -25.43 -8.74
CA GLY A 244 2.99 -24.04 -9.16
C GLY A 244 1.72 -23.27 -8.89
N ILE A 245 0.57 -23.94 -8.98
CA ILE A 245 -0.69 -23.26 -8.74
C ILE A 245 -0.78 -22.81 -7.30
N PHE A 246 -0.30 -23.65 -6.39
CA PHE A 246 -0.33 -23.29 -4.98
C PHE A 246 0.68 -22.20 -4.73
N LYS A 247 1.79 -22.22 -5.47
CA LYS A 247 2.79 -21.18 -5.32
C LYS A 247 2.13 -19.87 -5.74
N PHE A 248 1.40 -19.93 -6.85
CA PHE A 248 0.68 -18.77 -7.37
C PHE A 248 -0.20 -18.21 -6.27
N LEU A 249 -0.95 -19.10 -5.62
CA LEU A 249 -1.84 -18.69 -4.54
C LEU A 249 -1.02 -18.17 -3.37
N LYS A 250 0.23 -18.60 -3.30
CA LYS A 250 1.13 -18.17 -2.24
C LYS A 250 1.74 -16.84 -2.65
N ASN A 251 3.07 -16.75 -2.55
CA ASN A 251 3.80 -15.55 -2.90
C ASN A 251 3.94 -15.40 -4.42
N ASP A 252 4.88 -14.56 -4.84
CA ASP A 252 5.13 -14.27 -6.25
C ASP A 252 4.88 -15.37 -7.27
N PRO A 253 4.59 -14.96 -8.52
CA PRO A 253 4.34 -15.92 -9.60
C PRO A 253 5.68 -16.42 -10.12
N LEU A 254 6.76 -16.00 -9.45
CA LEU A 254 8.11 -16.39 -9.84
C LEU A 254 8.21 -17.90 -9.99
N GLY A 255 8.04 -18.63 -8.89
CA GLY A 255 8.11 -20.07 -8.95
C GLY A 255 6.92 -20.65 -9.70
N ALA A 256 5.75 -20.06 -9.49
CA ALA A 256 4.54 -20.51 -10.14
C ALA A 256 4.70 -20.62 -11.66
N HIS A 257 5.57 -19.80 -12.23
CA HIS A 257 5.79 -19.84 -13.68
C HIS A 257 6.65 -21.04 -14.06
N GLU A 258 7.93 -20.98 -13.70
CA GLU A 258 8.87 -22.06 -14.01
C GLU A 258 8.26 -23.43 -13.78
N ASP A 259 7.47 -23.55 -12.71
CA ASP A 259 6.82 -24.81 -12.38
C ASP A 259 5.82 -25.27 -13.43
N ILE A 260 4.80 -24.46 -13.71
CA ILE A 260 3.82 -24.87 -14.70
C ILE A 260 4.40 -24.79 -16.11
N LYS A 261 5.43 -23.98 -16.29
CA LYS A 261 6.08 -23.86 -17.60
C LYS A 261 6.76 -25.19 -17.91
N LYS A 262 7.55 -25.67 -16.96
CA LYS A 262 8.25 -26.94 -17.11
C LYS A 262 7.23 -28.06 -17.26
N ALA A 263 6.07 -27.86 -16.62
CA ALA A 263 4.98 -28.84 -16.67
C ALA A 263 4.50 -28.97 -18.10
N ILE A 264 4.34 -27.84 -18.77
CA ILE A 264 3.87 -27.82 -20.16
C ILE A 264 4.92 -28.54 -21.00
N GLU A 265 6.19 -28.28 -20.70
CA GLU A 265 7.30 -28.88 -21.44
C GLU A 265 7.30 -30.39 -21.27
N LEU A 266 6.90 -30.85 -20.08
CA LEU A 266 6.86 -32.28 -19.79
C LEU A 266 5.66 -32.96 -20.44
N PHE A 267 4.51 -32.28 -20.38
CA PHE A 267 3.27 -32.81 -20.95
C PHE A 267 2.20 -31.74 -20.79
N PRO A 268 1.71 -31.17 -21.91
CA PRO A 268 0.68 -30.13 -21.92
C PRO A 268 -0.25 -30.09 -20.72
N ARG A 269 -1.46 -30.64 -20.88
CA ARG A 269 -2.47 -30.67 -19.81
C ARG A 269 -3.26 -29.36 -19.71
N VAL A 270 -4.54 -29.44 -20.07
CA VAL A 270 -5.44 -28.28 -20.06
C VAL A 270 -5.26 -27.27 -18.92
N ASN A 271 -5.39 -27.72 -17.68
CA ASN A 271 -5.26 -26.80 -16.56
C ASN A 271 -3.96 -26.00 -16.55
N SER A 272 -2.87 -26.62 -16.98
CA SER A 272 -1.57 -25.95 -17.03
C SER A 272 -1.68 -24.64 -17.80
N TYR A 273 -2.21 -24.72 -19.02
CA TYR A 273 -2.39 -23.54 -19.85
C TYR A 273 -3.27 -22.50 -19.17
N ILE A 274 -4.42 -22.93 -18.66
CA ILE A 274 -5.33 -22.02 -17.98
C ILE A 274 -4.61 -21.30 -16.85
N TYR A 275 -3.84 -22.05 -16.08
CA TYR A 275 -3.10 -21.46 -14.97
C TYR A 275 -2.02 -20.51 -15.49
N MET A 276 -1.42 -20.89 -16.61
CA MET A 276 -0.38 -20.06 -17.22
C MET A 276 -1.01 -18.75 -17.69
N ALA A 277 -2.18 -18.85 -18.30
CA ALA A 277 -2.89 -17.69 -18.81
C ALA A 277 -3.26 -16.72 -17.70
N LEU A 278 -3.04 -17.11 -16.44
CA LEU A 278 -3.35 -16.25 -15.32
C LEU A 278 -2.08 -15.64 -14.75
N ILE A 279 -1.02 -16.45 -14.68
CA ILE A 279 0.27 -15.98 -14.16
C ILE A 279 0.87 -14.92 -15.07
N MET A 280 0.37 -14.85 -16.30
CA MET A 280 0.84 -13.87 -17.27
C MET A 280 -0.10 -12.67 -17.23
N ALA A 281 -1.40 -12.93 -17.36
CA ALA A 281 -2.41 -11.89 -17.30
C ALA A 281 -2.24 -11.19 -15.97
N ASP A 282 -1.51 -11.87 -15.09
CA ASP A 282 -1.22 -11.37 -13.76
C ASP A 282 -0.57 -10.01 -13.94
N ARG A 283 0.59 -9.98 -14.58
CA ARG A 283 1.18 -8.69 -14.76
C ARG A 283 1.64 -8.32 -16.16
N ASN A 284 1.77 -7.02 -16.34
CA ASN A 284 2.15 -6.43 -17.60
C ASN A 284 1.06 -6.88 -18.56
N ASP A 285 1.38 -6.92 -19.85
CA ASP A 285 0.40 -7.35 -20.83
C ASP A 285 1.03 -8.10 -21.98
N SER A 286 0.36 -9.18 -22.39
CA SER A 286 0.80 -10.02 -23.48
C SER A 286 -0.40 -10.85 -23.92
N THR A 287 -1.07 -10.40 -24.97
CA THR A 287 -2.25 -11.10 -25.50
C THR A 287 -1.88 -12.52 -25.93
N GLU A 288 -0.78 -13.03 -25.38
CA GLU A 288 -0.30 -14.36 -25.67
C GLU A 288 -1.13 -15.40 -24.93
N TYR A 289 -1.56 -15.07 -23.71
CA TYR A 289 -2.35 -16.02 -22.94
C TYR A 289 -3.74 -16.23 -23.52
N TYR A 290 -4.27 -15.23 -24.23
CA TYR A 290 -5.57 -15.38 -24.84
C TYR A 290 -5.40 -16.42 -25.93
N ASN A 291 -4.16 -16.90 -26.06
CA ASN A 291 -3.82 -17.93 -27.03
C ASN A 291 -3.49 -19.20 -26.26
N TYR A 292 -3.19 -19.03 -24.98
CA TYR A 292 -2.89 -20.17 -24.12
C TYR A 292 -4.16 -21.01 -24.00
N PHE A 293 -5.29 -20.33 -23.83
CA PHE A 293 -6.59 -20.99 -23.75
C PHE A 293 -6.73 -21.85 -25.00
N ASP A 294 -6.31 -21.27 -26.13
CA ASP A 294 -6.35 -21.92 -27.43
C ASP A 294 -5.45 -23.15 -27.40
N LYS A 295 -4.27 -22.99 -26.81
CA LYS A 295 -3.32 -24.09 -26.70
C LYS A 295 -3.96 -25.17 -25.84
N ALA A 296 -4.81 -24.75 -24.91
CA ALA A 296 -5.50 -25.68 -24.02
C ALA A 296 -6.58 -26.43 -24.80
N LEU A 297 -7.35 -25.68 -25.58
CA LEU A 297 -8.42 -26.26 -26.39
C LEU A 297 -7.84 -27.26 -27.38
N LYS A 298 -6.57 -27.08 -27.73
CA LYS A 298 -5.91 -27.99 -28.66
C LYS A 298 -6.01 -29.42 -28.13
N LEU A 299 -6.11 -29.54 -26.81
CA LEU A 299 -6.22 -30.84 -26.16
C LEU A 299 -7.69 -31.17 -25.93
N ASP A 300 -8.30 -30.47 -25.00
CA ASP A 300 -9.72 -30.67 -24.68
C ASP A 300 -10.56 -29.59 -25.33
N SER A 301 -10.97 -29.83 -26.57
CA SER A 301 -11.77 -28.87 -27.33
C SER A 301 -13.07 -28.51 -26.62
N ASN A 302 -13.41 -29.28 -25.59
CA ASN A 302 -14.65 -29.03 -24.85
C ASN A 302 -14.44 -29.00 -23.34
N ASN A 303 -13.29 -28.51 -22.90
CA ASN A 303 -12.98 -28.42 -21.48
C ASN A 303 -13.62 -27.15 -20.91
N SER A 304 -14.95 -27.20 -20.78
CA SER A 304 -15.77 -26.11 -20.26
C SER A 304 -15.18 -25.19 -19.18
N SER A 305 -14.05 -25.57 -18.59
CA SER A 305 -13.45 -24.72 -17.56
C SER A 305 -12.71 -23.59 -18.28
N VAL A 306 -12.15 -23.92 -19.46
CA VAL A 306 -11.42 -22.94 -20.25
C VAL A 306 -12.34 -21.79 -20.67
N TYR A 307 -13.48 -22.13 -21.28
CA TYR A 307 -14.42 -21.12 -21.71
C TYR A 307 -14.88 -20.26 -20.54
N TYR A 308 -14.84 -20.81 -19.34
CA TYR A 308 -15.26 -20.03 -18.18
C TYR A 308 -14.21 -18.98 -17.85
N HIS A 309 -12.94 -19.38 -17.88
CA HIS A 309 -11.87 -18.44 -17.59
C HIS A 309 -11.70 -17.41 -18.69
N ARG A 310 -11.82 -17.83 -19.95
CA ARG A 310 -11.70 -16.89 -21.06
C ARG A 310 -12.80 -15.84 -20.90
N GLY A 311 -13.88 -16.25 -20.24
CA GLY A 311 -14.99 -15.35 -20.01
C GLY A 311 -14.63 -14.35 -18.93
N GLN A 312 -13.84 -14.79 -17.93
CA GLN A 312 -13.43 -13.91 -16.84
C GLN A 312 -12.47 -12.85 -17.33
N MET A 313 -11.53 -13.25 -18.18
CA MET A 313 -10.55 -12.34 -18.73
C MET A 313 -11.26 -11.26 -19.54
N ASN A 314 -12.13 -11.70 -20.45
CA ASN A 314 -12.88 -10.77 -21.27
C ASN A 314 -13.84 -9.96 -20.40
N PHE A 315 -14.22 -10.54 -19.26
CA PHE A 315 -15.13 -9.88 -18.33
C PHE A 315 -14.42 -8.78 -17.56
N ILE A 316 -13.13 -8.99 -17.29
CA ILE A 316 -12.34 -7.99 -16.58
C ILE A 316 -11.77 -6.97 -17.56
N LEU A 317 -11.81 -7.32 -18.85
CA LEU A 317 -11.33 -6.43 -19.90
C LEU A 317 -12.46 -5.48 -20.27
N GLN A 318 -13.34 -5.21 -19.30
CA GLN A 318 -14.48 -4.33 -19.50
C GLN A 318 -15.31 -4.75 -20.70
N ASN A 319 -14.91 -5.86 -21.33
CA ASN A 319 -15.60 -6.42 -22.49
C ASN A 319 -16.76 -7.26 -21.97
N TYR A 320 -17.81 -6.58 -21.52
CA TYR A 320 -18.98 -7.23 -20.95
C TYR A 320 -19.79 -8.07 -21.95
N ASP A 321 -19.32 -8.14 -23.19
CA ASP A 321 -20.01 -8.92 -24.21
C ASP A 321 -19.38 -10.29 -24.40
N GLN A 322 -18.29 -10.35 -25.15
CA GLN A 322 -17.60 -11.62 -25.41
C GLN A 322 -17.44 -12.42 -24.11
N ALA A 323 -17.44 -11.72 -22.99
CA ALA A 323 -17.32 -12.37 -21.69
C ALA A 323 -18.53 -13.29 -21.52
N GLY A 324 -19.70 -12.69 -21.41
CA GLY A 324 -20.91 -13.46 -21.25
C GLY A 324 -21.20 -14.33 -22.46
N LYS A 325 -20.27 -14.32 -23.42
CA LYS A 325 -20.40 -15.11 -24.63
C LYS A 325 -19.73 -16.46 -24.40
N ASP A 326 -18.57 -16.44 -23.75
CA ASP A 326 -17.85 -17.67 -23.46
C ASP A 326 -18.61 -18.46 -22.40
N PHE A 327 -19.15 -17.75 -21.42
CA PHE A 327 -19.90 -18.35 -20.33
C PHE A 327 -21.00 -19.28 -20.82
N ASP A 328 -21.74 -18.85 -21.85
CA ASP A 328 -22.80 -19.68 -22.40
C ASP A 328 -22.22 -21.02 -22.83
N LYS A 329 -20.98 -20.99 -23.34
CA LYS A 329 -20.29 -22.20 -23.76
C LYS A 329 -19.85 -22.98 -22.53
N ALA A 330 -19.66 -22.26 -21.43
CA ALA A 330 -19.25 -22.88 -20.17
C ALA A 330 -20.45 -23.60 -19.58
N LYS A 331 -21.62 -22.99 -19.76
CA LYS A 331 -22.86 -23.54 -19.24
C LYS A 331 -23.32 -24.72 -20.10
N GLU A 332 -23.10 -24.63 -21.40
CA GLU A 332 -23.49 -25.70 -22.32
C GLU A 332 -22.63 -26.94 -22.10
N LEU A 333 -21.32 -26.76 -22.06
CA LEU A 333 -20.41 -27.87 -21.86
C LEU A 333 -20.37 -28.37 -20.42
N ASP A 334 -21.35 -27.97 -19.63
CA ASP A 334 -21.44 -28.38 -18.22
C ASP A 334 -22.48 -27.57 -17.46
N PRO A 335 -23.75 -27.94 -17.58
CA PRO A 335 -24.85 -27.24 -16.89
C PRO A 335 -24.80 -27.38 -15.38
N GLU A 336 -24.29 -28.52 -14.90
CA GLU A 336 -24.22 -28.75 -13.47
C GLU A 336 -23.36 -27.72 -12.75
N ASN A 337 -22.27 -27.28 -13.37
CA ASN A 337 -21.40 -26.30 -12.76
C ASN A 337 -22.22 -25.04 -12.49
N ILE A 338 -22.29 -24.64 -11.23
CA ILE A 338 -23.06 -23.48 -10.83
C ILE A 338 -22.49 -22.14 -11.27
N PHE A 339 -21.17 -22.01 -11.25
CA PHE A 339 -20.51 -20.75 -11.62
C PHE A 339 -20.88 -20.19 -13.00
N PRO A 340 -20.83 -21.03 -14.06
CA PRO A 340 -21.17 -20.50 -15.38
C PRO A 340 -22.49 -19.73 -15.38
N TYR A 341 -23.30 -19.96 -14.35
CA TYR A 341 -24.59 -19.29 -14.19
C TYR A 341 -24.40 -18.04 -13.36
N ILE A 342 -23.75 -18.18 -12.22
CA ILE A 342 -23.51 -17.06 -11.31
C ILE A 342 -22.81 -15.90 -11.98
N GLN A 343 -21.87 -16.20 -12.87
CA GLN A 343 -21.16 -15.15 -13.58
C GLN A 343 -22.18 -14.34 -14.38
N LEU A 344 -22.66 -14.94 -15.46
CA LEU A 344 -23.67 -14.33 -16.33
C LEU A 344 -24.79 -13.75 -15.47
N ALA A 345 -25.19 -14.54 -14.47
CA ALA A 345 -26.26 -14.20 -13.53
C ALA A 345 -26.49 -12.71 -13.41
N CYS A 346 -25.57 -12.04 -12.73
CA CYS A 346 -25.69 -10.61 -12.54
C CYS A 346 -24.56 -9.87 -13.27
N LEU A 347 -23.93 -10.50 -14.25
CA LEU A 347 -22.89 -9.80 -15.01
C LEU A 347 -23.58 -8.54 -15.50
N ALA A 348 -24.85 -8.70 -15.88
CA ALA A 348 -25.70 -7.61 -16.36
C ALA A 348 -25.74 -6.46 -15.36
N TYR A 349 -25.25 -6.70 -14.16
CA TYR A 349 -25.23 -5.68 -13.13
C TYR A 349 -24.13 -4.69 -13.42
N ARG A 350 -23.00 -5.18 -13.94
CA ARG A 350 -21.89 -4.32 -14.30
C ARG A 350 -22.35 -3.58 -15.55
N GLU A 351 -23.57 -3.86 -15.97
CA GLU A 351 -24.20 -3.23 -17.14
C GLU A 351 -25.51 -2.57 -16.71
N ASN A 352 -25.60 -2.22 -15.44
CA ASN A 352 -26.78 -1.58 -14.85
C ASN A 352 -28.11 -2.18 -15.30
N LYS A 353 -28.12 -3.49 -15.53
CA LYS A 353 -29.32 -4.20 -15.94
C LYS A 353 -29.84 -5.02 -14.76
N PHE A 354 -30.05 -4.36 -13.63
CA PHE A 354 -30.52 -5.04 -12.43
C PHE A 354 -31.74 -5.90 -12.72
N ASP A 355 -32.45 -5.57 -13.79
CA ASP A 355 -33.62 -6.32 -14.20
C ASP A 355 -33.22 -7.74 -14.62
N ASP A 356 -32.40 -7.83 -15.67
CA ASP A 356 -31.95 -9.13 -16.15
C ASP A 356 -31.26 -9.88 -15.03
N CYS A 357 -30.61 -9.16 -14.13
CA CYS A 357 -29.90 -9.77 -13.01
C CYS A 357 -30.82 -10.40 -11.98
N GLU A 358 -31.55 -9.55 -11.24
CA GLU A 358 -32.45 -10.01 -10.20
C GLU A 358 -33.21 -11.28 -10.55
N THR A 359 -33.58 -11.44 -11.82
CA THR A 359 -34.32 -12.62 -12.26
C THR A 359 -33.39 -13.75 -12.72
N LEU A 360 -32.29 -13.39 -13.36
CA LEU A 360 -31.32 -14.38 -13.83
C LEU A 360 -30.71 -15.10 -12.63
N PHE A 361 -30.56 -14.39 -11.53
CA PHE A 361 -30.01 -14.99 -10.32
C PHE A 361 -31.06 -15.97 -9.82
N SER A 362 -32.32 -15.54 -9.87
CA SER A 362 -33.44 -16.37 -9.43
C SER A 362 -33.52 -17.66 -10.24
N GLU A 363 -33.30 -17.56 -11.54
CA GLU A 363 -33.34 -18.72 -12.42
C GLU A 363 -32.39 -19.75 -11.82
N ALA A 364 -31.18 -19.30 -11.52
CA ALA A 364 -30.16 -20.15 -10.94
C ALA A 364 -30.41 -20.27 -9.44
N LYS A 365 -31.31 -19.43 -8.94
CA LYS A 365 -31.65 -19.43 -7.52
C LYS A 365 -32.52 -20.65 -7.21
N ARG A 366 -33.18 -21.20 -8.23
CA ARG A 366 -34.01 -22.37 -8.00
C ARG A 366 -33.59 -23.57 -8.84
N LYS A 367 -32.72 -23.37 -9.82
CA LYS A 367 -32.28 -24.47 -10.65
C LYS A 367 -31.35 -25.37 -9.83
N PHE A 368 -30.58 -24.75 -8.94
CA PHE A 368 -29.66 -25.47 -8.05
C PHE A 368 -30.03 -25.03 -6.64
N PRO A 369 -31.27 -25.32 -6.21
CA PRO A 369 -31.81 -24.96 -4.90
C PRO A 369 -31.06 -25.49 -3.68
N GLU A 370 -29.84 -25.97 -3.88
CA GLU A 370 -29.07 -26.50 -2.77
C GLU A 370 -27.69 -25.83 -2.70
N ALA A 371 -27.37 -25.06 -3.74
CA ALA A 371 -26.10 -24.36 -3.84
C ALA A 371 -26.03 -23.06 -3.04
N PRO A 372 -25.13 -23.01 -2.04
CA PRO A 372 -24.95 -21.83 -1.18
C PRO A 372 -24.44 -20.60 -1.95
N GLU A 373 -23.82 -20.83 -3.11
CA GLU A 373 -23.28 -19.73 -3.90
C GLU A 373 -24.33 -18.67 -4.21
N VAL A 374 -25.29 -19.02 -5.06
CA VAL A 374 -26.35 -18.10 -5.45
C VAL A 374 -26.82 -17.20 -4.29
N PRO A 375 -27.20 -17.82 -3.16
CA PRO A 375 -27.66 -17.01 -2.02
C PRO A 375 -26.58 -16.04 -1.57
N ASN A 376 -25.36 -16.52 -1.48
CA ASN A 376 -24.22 -15.71 -1.04
C ASN A 376 -23.86 -14.58 -2.01
N PHE A 377 -23.65 -14.90 -3.28
CA PHE A 377 -23.30 -13.87 -4.25
C PHE A 377 -24.42 -12.87 -4.49
N PHE A 378 -25.59 -13.36 -4.91
CA PHE A 378 -26.72 -12.48 -5.14
C PHE A 378 -26.84 -11.57 -3.93
N ALA A 379 -26.50 -12.10 -2.77
CA ALA A 379 -26.55 -11.35 -1.54
C ALA A 379 -25.62 -10.15 -1.59
N GLU A 380 -24.33 -10.41 -1.78
CA GLU A 380 -23.35 -9.34 -1.85
C GLU A 380 -23.71 -8.30 -2.90
N ILE A 381 -24.41 -8.72 -3.96
CA ILE A 381 -24.80 -7.77 -4.99
C ILE A 381 -25.96 -6.91 -4.53
N LEU A 382 -26.85 -7.48 -3.73
CA LEU A 382 -27.98 -6.71 -3.22
C LEU A 382 -27.42 -5.72 -2.20
N THR A 383 -26.33 -6.12 -1.54
CA THR A 383 -25.71 -5.27 -0.54
C THR A 383 -25.10 -4.05 -1.24
N ASP A 384 -24.54 -4.28 -2.43
CA ASP A 384 -23.94 -3.21 -3.23
C ASP A 384 -25.02 -2.24 -3.68
N LYS A 385 -26.03 -2.76 -4.37
CA LYS A 385 -27.12 -1.93 -4.87
C LYS A 385 -27.90 -1.32 -3.70
N ASN A 386 -27.42 -1.60 -2.49
CA ASN A 386 -28.02 -1.08 -1.27
C ASN A 386 -29.41 -1.58 -0.91
N ASP A 387 -29.68 -2.87 -1.14
CA ASP A 387 -30.97 -3.44 -0.79
C ASP A 387 -30.76 -4.19 0.53
N PHE A 388 -30.27 -3.45 1.52
CA PHE A 388 -29.97 -3.98 2.84
C PHE A 388 -31.00 -4.96 3.41
N ASP A 389 -32.27 -4.60 3.32
CA ASP A 389 -33.34 -5.44 3.85
C ASP A 389 -33.36 -6.84 3.21
N LYS A 390 -33.06 -6.91 1.92
CA LYS A 390 -33.05 -8.18 1.22
C LYS A 390 -31.72 -8.91 1.28
N ALA A 391 -30.63 -8.18 0.97
CA ALA A 391 -29.30 -8.76 1.01
C ALA A 391 -29.02 -9.41 2.36
N LEU A 392 -29.70 -8.90 3.39
CA LEU A 392 -29.53 -9.42 4.75
C LEU A 392 -30.16 -10.81 4.85
N LYS A 393 -31.33 -10.98 4.23
CA LYS A 393 -32.01 -12.26 4.25
C LYS A 393 -31.23 -13.27 3.42
N GLN A 394 -30.82 -12.86 2.23
CA GLN A 394 -30.07 -13.73 1.32
C GLN A 394 -28.86 -14.37 1.98
N TYR A 395 -28.07 -13.59 2.71
CA TYR A 395 -26.90 -14.13 3.39
C TYR A 395 -27.32 -15.28 4.29
N ASP A 396 -28.30 -15.02 5.16
CA ASP A 396 -28.80 -16.02 6.08
C ASP A 396 -29.21 -17.29 5.35
N LEU A 397 -29.76 -17.12 4.14
CA LEU A 397 -30.19 -18.25 3.34
C LEU A 397 -28.96 -19.04 2.94
N ALA A 398 -27.92 -18.33 2.52
CA ALA A 398 -26.66 -18.97 2.12
C ALA A 398 -26.08 -19.68 3.33
N ILE A 399 -26.05 -18.99 4.46
CA ILE A 399 -25.52 -19.56 5.70
C ILE A 399 -26.25 -20.86 6.04
N GLU A 400 -27.51 -20.94 5.65
CA GLU A 400 -28.32 -22.14 5.91
C GLU A 400 -27.88 -23.26 4.97
N LEU A 401 -28.17 -23.11 3.69
CA LEU A 401 -27.81 -24.10 2.67
C LEU A 401 -26.35 -24.51 2.83
N GLU A 402 -25.55 -23.60 3.37
CA GLU A 402 -24.13 -23.83 3.57
C GLU A 402 -23.86 -25.01 4.48
N ASN A 403 -23.90 -24.78 5.79
CA ASN A 403 -23.65 -25.83 6.77
C ASN A 403 -24.58 -27.02 6.61
N LYS A 404 -25.60 -26.86 5.77
CA LYS A 404 -26.56 -27.92 5.49
C LYS A 404 -25.87 -29.07 4.75
N LEU A 405 -24.70 -28.78 4.17
CA LEU A 405 -23.92 -29.75 3.43
C LEU A 405 -22.62 -29.94 4.19
N ASP A 406 -22.04 -31.14 4.14
CA ASP A 406 -20.79 -31.41 4.84
C ASP A 406 -19.57 -30.97 4.05
N GLY A 407 -19.80 -30.26 2.95
CA GLY A 407 -18.71 -29.80 2.11
C GLY A 407 -18.02 -28.58 2.71
N ILE A 408 -18.01 -27.48 1.96
CA ILE A 408 -17.37 -26.26 2.43
C ILE A 408 -17.86 -25.04 1.64
N TYR A 409 -18.28 -25.28 0.39
CA TYR A 409 -18.78 -24.24 -0.51
C TYR A 409 -19.18 -22.94 0.20
N VAL A 410 -18.69 -21.80 -0.30
CA VAL A 410 -19.02 -20.51 0.29
C VAL A 410 -18.84 -20.52 1.81
N GLY A 411 -17.70 -21.04 2.27
CA GLY A 411 -17.43 -21.12 3.69
C GLY A 411 -17.71 -19.89 4.54
N ILE A 412 -16.64 -19.32 5.10
CA ILE A 412 -16.72 -18.15 5.96
C ILE A 412 -17.38 -16.94 5.30
N ALA A 413 -17.39 -16.93 3.96
CA ALA A 413 -17.97 -15.83 3.20
C ALA A 413 -19.24 -15.21 3.82
N PRO A 414 -20.35 -15.95 3.86
CA PRO A 414 -21.60 -15.42 4.43
C PRO A 414 -21.49 -14.79 5.82
N LEU A 415 -20.81 -15.47 6.74
CA LEU A 415 -20.66 -14.95 8.09
C LEU A 415 -20.09 -13.53 8.09
N VAL A 416 -18.95 -13.37 7.43
CA VAL A 416 -18.29 -12.08 7.34
C VAL A 416 -19.14 -11.12 6.50
N GLY A 417 -19.66 -11.62 5.39
CA GLY A 417 -20.49 -10.80 4.54
C GLY A 417 -21.71 -10.25 5.26
N LYS A 418 -22.25 -11.04 6.19
CA LYS A 418 -23.41 -10.62 6.95
C LYS A 418 -23.03 -9.56 7.96
N ALA A 419 -22.05 -9.87 8.80
CA ALA A 419 -21.58 -8.93 9.82
C ALA A 419 -21.33 -7.56 9.21
N THR A 420 -20.88 -7.55 7.96
CA THR A 420 -20.59 -6.31 7.24
C THR A 420 -21.79 -5.38 7.21
N LEU A 421 -22.82 -5.76 6.45
CA LEU A 421 -24.01 -4.91 6.36
C LEU A 421 -24.62 -4.64 7.72
N LEU A 422 -24.26 -5.43 8.72
CA LEU A 422 -24.78 -5.22 10.06
C LEU A 422 -24.06 -4.05 10.70
N THR A 423 -22.73 -4.14 10.78
CA THR A 423 -21.92 -3.08 11.37
C THR A 423 -22.19 -1.80 10.58
N ARG A 424 -22.62 -1.98 9.34
CA ARG A 424 -22.93 -0.88 8.43
C ARG A 424 -23.85 0.10 9.17
N ASN A 425 -24.53 -0.41 10.20
CA ASN A 425 -25.44 0.37 11.02
C ASN A 425 -25.15 0.01 12.47
N PRO A 426 -24.20 0.72 13.10
CA PRO A 426 -23.82 0.46 14.50
C PRO A 426 -25.02 0.49 15.46
N THR A 427 -25.15 -0.56 16.25
CA THR A 427 -26.25 -0.64 17.22
C THR A 427 -25.83 -1.45 18.42
N VAL A 428 -26.10 -0.91 19.61
CA VAL A 428 -25.77 -1.57 20.87
C VAL A 428 -25.92 -3.07 20.72
N GLU A 429 -26.99 -3.48 20.04
CA GLU A 429 -27.29 -4.88 19.82
C GLU A 429 -26.59 -5.37 18.55
N ASN A 430 -26.99 -4.81 17.42
CA ASN A 430 -26.45 -5.17 16.12
C ASN A 430 -24.95 -5.47 16.15
N PHE A 431 -24.19 -4.65 16.87
CA PHE A 431 -22.74 -4.85 16.97
C PHE A 431 -22.35 -6.19 17.57
N ILE A 432 -23.15 -6.70 18.50
CA ILE A 432 -22.86 -7.98 19.12
C ILE A 432 -23.11 -9.10 18.12
N GLU A 433 -24.17 -8.96 17.33
CA GLU A 433 -24.51 -9.97 16.35
C GLU A 433 -23.34 -10.14 15.39
N ALA A 434 -22.81 -9.01 14.93
CA ALA A 434 -21.68 -9.02 14.00
C ALA A 434 -20.44 -9.59 14.67
N THR A 435 -19.99 -8.94 15.74
CA THR A 435 -18.81 -9.40 16.46
C THR A 435 -18.93 -10.89 16.76
N ASN A 436 -20.16 -11.37 16.84
CA ASN A 436 -20.40 -12.78 17.11
C ASN A 436 -20.05 -13.53 15.83
N LEU A 437 -20.63 -13.10 14.71
CA LEU A 437 -20.38 -13.74 13.44
C LEU A 437 -18.90 -13.73 13.07
N LEU A 438 -18.27 -12.57 13.17
CA LEU A 438 -16.85 -12.45 12.83
C LEU A 438 -16.00 -13.37 13.70
N GLU A 439 -16.23 -13.34 15.00
CA GLU A 439 -15.48 -14.19 15.92
C GLU A 439 -15.55 -15.65 15.45
N LYS A 440 -16.75 -16.12 15.15
CA LYS A 440 -16.90 -17.49 14.67
C LYS A 440 -16.09 -17.62 13.39
N ALA A 441 -16.47 -16.84 12.38
CA ALA A 441 -15.79 -16.85 11.09
C ALA A 441 -14.27 -16.93 11.19
N SER A 442 -13.67 -16.06 12.00
CA SER A 442 -12.23 -16.03 12.16
C SER A 442 -11.68 -17.27 12.86
N LYS A 443 -12.58 -18.16 13.30
CA LYS A 443 -12.17 -19.38 13.97
C LYS A 443 -12.12 -20.55 13.00
N LEU A 444 -13.04 -20.57 12.04
CA LEU A 444 -13.11 -21.62 11.03
C LEU A 444 -12.10 -21.38 9.91
N ASP A 445 -11.78 -20.11 9.68
CA ASP A 445 -10.82 -19.72 8.66
C ASP A 445 -9.88 -18.70 9.30
N PRO A 446 -8.90 -19.18 10.10
CA PRO A 446 -7.94 -18.33 10.78
C PRO A 446 -7.09 -17.49 9.84
N ARG A 447 -6.88 -17.99 8.62
CA ARG A 447 -6.08 -17.30 7.63
C ARG A 447 -6.86 -16.18 6.94
N SER A 448 -8.07 -15.91 7.42
CA SER A 448 -8.92 -14.87 6.85
C SER A 448 -8.76 -13.53 7.55
N GLU A 449 -8.10 -12.58 6.90
CA GLU A 449 -7.91 -11.26 7.49
C GLU A 449 -9.24 -10.53 7.46
N GLN A 450 -9.96 -10.67 6.35
CA GLN A 450 -11.26 -10.02 6.18
C GLN A 450 -12.05 -10.15 7.47
N ALA A 451 -11.88 -11.29 8.14
CA ALA A 451 -12.57 -11.55 9.39
C ALA A 451 -11.83 -10.86 10.52
N LYS A 452 -10.51 -11.00 10.53
CA LYS A 452 -9.66 -10.41 11.56
C LYS A 452 -9.87 -8.90 11.71
N ILE A 453 -9.65 -8.12 10.65
CA ILE A 453 -9.83 -6.68 10.76
C ILE A 453 -11.24 -6.40 11.27
N GLY A 454 -12.22 -7.14 10.73
CA GLY A 454 -13.59 -6.96 11.15
C GLY A 454 -13.66 -6.89 12.66
N LEU A 455 -13.12 -7.90 13.33
CA LEU A 455 -13.10 -7.94 14.78
C LEU A 455 -12.31 -6.79 15.36
N ALA A 456 -11.11 -6.58 14.82
CA ALA A 456 -10.25 -5.49 15.30
C ALA A 456 -11.03 -4.18 15.25
N GLN A 457 -11.81 -4.01 14.19
CA GLN A 457 -12.62 -2.80 14.02
C GLN A 457 -13.62 -2.78 15.17
N MET A 458 -14.26 -3.93 15.40
CA MET A 458 -15.24 -4.09 16.47
C MET A 458 -14.65 -3.78 17.84
N LYS A 459 -13.67 -4.58 18.24
CA LYS A 459 -13.02 -4.42 19.53
C LYS A 459 -12.44 -3.01 19.74
N LEU A 460 -12.26 -2.29 18.64
CA LEU A 460 -11.71 -0.94 18.68
C LEU A 460 -12.80 0.06 19.05
N GLN A 461 -14.03 -0.22 18.59
CA GLN A 461 -15.17 0.65 18.89
C GLN A 461 -15.63 0.34 20.31
N GLN A 462 -15.43 -0.90 20.73
CA GLN A 462 -15.81 -1.34 22.07
C GLN A 462 -14.81 -0.88 23.11
N GLU A 463 -14.14 0.23 22.84
CA GLU A 463 -13.14 0.80 23.75
C GLU A 463 -12.04 -0.17 24.16
N ASP A 464 -12.03 -1.35 23.56
CA ASP A 464 -11.02 -2.36 23.88
C ASP A 464 -9.80 -2.11 22.99
N ILE A 465 -9.42 -0.84 22.87
CA ILE A 465 -8.30 -0.43 22.03
C ILE A 465 -7.11 -1.39 22.16
N ASP A 466 -6.82 -1.81 23.38
CA ASP A 466 -5.73 -2.71 23.64
C ASP A 466 -5.93 -4.00 22.85
N GLU A 467 -7.13 -4.56 22.97
CA GLU A 467 -7.47 -5.79 22.24
C GLU A 467 -7.45 -5.48 20.76
N ALA A 468 -8.06 -4.35 20.40
CA ALA A 468 -8.15 -3.91 19.01
C ALA A 468 -6.78 -3.87 18.35
N ILE A 469 -5.79 -3.31 19.03
CA ILE A 469 -4.45 -3.24 18.48
C ILE A 469 -3.97 -4.61 18.04
N THR A 470 -3.83 -5.52 18.98
CA THR A 470 -3.36 -6.87 18.67
C THR A 470 -4.04 -7.45 17.43
N LEU A 471 -5.34 -7.22 17.30
CA LEU A 471 -6.05 -7.75 16.14
C LEU A 471 -5.56 -7.11 14.85
N PHE A 472 -5.57 -5.78 14.80
CA PHE A 472 -5.10 -5.06 13.62
C PHE A 472 -3.72 -5.55 13.24
N GLU A 473 -2.81 -5.53 14.21
CA GLU A 473 -1.45 -5.98 14.02
C GLU A 473 -1.45 -7.35 13.34
N GLU A 474 -2.25 -8.27 13.85
CA GLU A 474 -2.34 -9.61 13.27
C GLU A 474 -2.98 -9.50 11.90
N SER A 475 -4.02 -8.69 11.82
CA SER A 475 -4.73 -8.48 10.55
C SER A 475 -3.69 -8.13 9.50
N ALA A 476 -2.70 -7.35 9.92
CA ALA A 476 -1.63 -6.94 9.02
C ALA A 476 -0.95 -8.18 8.46
N ASP A 477 -0.39 -9.00 9.34
CA ASP A 477 0.29 -10.24 8.93
C ASP A 477 -0.53 -11.03 7.92
N LEU A 478 -1.82 -11.17 8.17
CA LEU A 478 -2.70 -11.91 7.27
C LEU A 478 -2.93 -11.24 5.93
N ALA A 479 -2.91 -9.91 5.91
CA ALA A 479 -3.14 -9.13 4.69
C ALA A 479 -2.31 -9.61 3.50
N ARG A 480 -2.94 -9.67 2.33
CA ARG A 480 -2.29 -10.12 1.09
C ARG A 480 -1.29 -9.15 0.48
N THR A 481 -1.67 -7.88 0.35
CA THR A 481 -0.79 -6.89 -0.25
C THR A 481 -0.35 -5.78 0.70
N MET A 482 0.63 -5.00 0.27
CA MET A 482 1.15 -3.91 1.07
C MET A 482 0.07 -2.87 1.39
N GLU A 483 -0.71 -2.49 0.39
CA GLU A 483 -1.75 -1.51 0.62
C GLU A 483 -2.66 -1.95 1.77
N GLU A 484 -3.11 -3.20 1.75
CA GLU A 484 -3.96 -3.71 2.83
C GLU A 484 -3.17 -3.79 4.12
N LYS A 485 -1.87 -3.99 3.99
CA LYS A 485 -0.99 -4.05 5.15
C LYS A 485 -0.80 -2.65 5.72
N LEU A 486 -0.66 -1.67 4.82
CA LEU A 486 -0.48 -0.29 5.21
C LEU A 486 -1.75 0.16 5.91
N GLN A 487 -2.88 -0.35 5.43
CA GLN A 487 -4.19 -0.03 6.00
C GLN A 487 -4.23 -0.48 7.45
N ALA A 488 -3.96 -1.77 7.68
CA ALA A 488 -3.98 -2.34 9.02
C ALA A 488 -3.08 -1.63 10.02
N ILE A 489 -1.85 -1.35 9.61
CA ILE A 489 -0.90 -0.67 10.49
C ILE A 489 -1.36 0.71 10.95
N THR A 490 -1.95 1.49 10.04
CA THR A 490 -2.42 2.83 10.39
C THR A 490 -3.31 2.74 11.62
N PHE A 491 -4.35 1.91 11.54
CA PHE A 491 -5.26 1.74 12.67
C PHE A 491 -4.43 1.35 13.87
N ALA A 492 -3.70 0.25 13.72
CA ALA A 492 -2.85 -0.24 14.80
C ALA A 492 -2.16 0.97 15.44
N GLU A 493 -1.46 1.74 14.61
CA GLU A 493 -0.73 2.92 15.08
C GLU A 493 -1.64 3.97 15.72
N ALA A 494 -2.80 4.21 15.12
CA ALA A 494 -3.73 5.20 15.64
C ALA A 494 -4.26 4.69 16.98
N ALA A 495 -4.32 3.38 17.12
CA ALA A 495 -4.80 2.78 18.35
C ALA A 495 -3.72 2.86 19.41
N LYS A 496 -2.47 2.63 19.02
CA LYS A 496 -1.34 2.68 19.95
C LYS A 496 -1.22 4.05 20.61
N VAL A 497 -1.41 5.10 19.81
CA VAL A 497 -1.34 6.45 20.33
C VAL A 497 -2.51 6.68 21.29
N GLN A 498 -3.66 6.08 20.95
CA GLN A 498 -4.85 6.19 21.78
C GLN A 498 -4.58 5.46 23.08
N GLN A 499 -3.93 4.30 22.97
CA GLN A 499 -3.59 3.47 24.11
C GLN A 499 -2.62 4.22 25.03
N ARG A 500 -1.68 4.94 24.44
CA ARG A 500 -0.70 5.70 25.20
C ARG A 500 -1.36 6.88 25.93
N ILE A 501 -2.44 7.40 25.34
CA ILE A 501 -3.15 8.52 25.93
C ILE A 501 -4.04 8.04 27.08
N ARG A 502 -4.68 6.88 26.89
CA ARG A 502 -5.54 6.33 27.92
C ARG A 502 -4.75 5.71 29.08
N SER A 503 -3.56 6.25 29.32
CA SER A 503 -2.73 5.80 30.43
C SER A 503 -2.93 6.86 31.50
N ASP A 504 -2.73 6.50 32.76
CA ASP A 504 -2.90 7.42 33.90
C ASP A 504 -4.23 8.18 33.90
N PRO A 505 -4.99 8.10 35.02
CA PRO A 505 -6.27 8.80 35.09
C PRO A 505 -6.14 10.30 34.81
N VAL A 506 -5.00 10.88 35.21
CA VAL A 506 -4.73 12.31 35.02
C VAL A 506 -5.14 12.79 33.63
N LEU A 507 -4.96 11.92 32.63
CA LEU A 507 -5.30 12.27 31.27
C LEU A 507 -6.35 11.31 30.74
N ALA A 508 -6.23 10.04 31.13
CA ALA A 508 -7.17 9.01 30.71
C ALA A 508 -8.57 9.33 31.21
N LYS A 509 -8.69 9.65 32.50
CA LYS A 509 -9.98 9.97 33.07
C LYS A 509 -10.64 11.08 32.26
N LYS A 510 -9.85 12.09 31.90
CA LYS A 510 -10.33 13.23 31.11
C LYS A 510 -11.03 12.77 29.83
N ILE A 511 -10.57 11.64 29.28
CA ILE A 511 -11.16 11.10 28.07
C ILE A 511 -12.51 10.48 28.39
N GLN A 512 -12.59 9.87 29.57
CA GLN A 512 -13.80 9.21 30.03
C GLN A 512 -15.01 10.13 30.01
N GLU A 513 -14.82 11.41 30.30
CA GLU A 513 -15.95 12.33 30.28
C GLU A 513 -16.58 12.35 28.90
N THR A 514 -17.69 11.62 28.76
CA THR A 514 -18.40 11.53 27.50
C THR A 514 -19.89 11.75 27.71
N GLU B 1 12.26 38.79 46.68
CA GLU B 1 11.98 39.71 45.54
C GLU B 1 13.25 39.86 44.70
N LYS B 2 13.05 39.98 43.38
CA LYS B 2 14.16 40.13 42.44
C LYS B 2 13.58 40.05 41.03
N ASP B 3 12.29 39.74 40.97
CA ASP B 3 11.57 39.61 39.71
C ASP B 3 11.70 40.85 38.83
N LYS B 4 12.05 41.97 39.43
CA LYS B 4 12.20 43.21 38.66
C LYS B 4 13.23 42.98 37.56
N TYR B 5 14.31 42.29 37.91
CA TYR B 5 15.39 42.02 36.97
C TYR B 5 15.00 40.97 35.93
N ALA B 6 14.53 39.82 36.42
CA ALA B 6 14.11 38.74 35.52
C ALA B 6 13.26 39.30 34.40
N LEU B 7 12.35 40.20 34.76
CA LEU B 7 11.47 40.83 33.77
C LEU B 7 12.31 41.65 32.81
N ALA B 8 13.25 42.42 33.36
CA ALA B 8 14.14 43.24 32.54
C ALA B 8 14.90 42.34 31.57
N LEU B 9 15.61 41.37 32.12
CA LEU B 9 16.39 40.42 31.33
C LEU B 9 15.53 39.83 30.23
N LYS B 10 14.27 39.52 30.57
CA LYS B 10 13.34 38.96 29.60
C LYS B 10 13.06 40.00 28.53
N ASP B 11 12.49 41.13 28.95
CA ASP B 11 12.17 42.21 28.02
C ASP B 11 13.34 42.51 27.11
N LYS B 12 14.52 42.67 27.70
CA LYS B 12 15.73 42.95 26.94
C LYS B 12 16.03 41.77 26.04
N GLY B 13 15.80 40.56 26.56
CA GLY B 13 16.03 39.37 25.77
C GLY B 13 15.07 39.34 24.59
N ASN B 14 13.82 39.70 24.85
CA ASN B 14 12.79 39.72 23.81
C ASN B 14 13.21 40.63 22.65
N GLN B 15 14.06 41.61 22.97
CA GLN B 15 14.54 42.56 21.97
C GLN B 15 15.51 41.89 21.01
N PHE B 16 16.51 41.21 21.56
CA PHE B 16 17.50 40.51 20.76
C PHE B 16 16.82 39.52 19.82
N PHE B 17 15.77 38.88 20.31
CA PHE B 17 15.03 37.91 19.51
C PHE B 17 14.31 38.64 18.38
N ARG B 18 13.67 39.76 18.70
CA ARG B 18 12.96 40.54 17.70
C ARG B 18 13.93 41.03 16.62
N ASN B 19 15.22 41.02 16.94
CA ASN B 19 16.26 41.46 16.01
C ASN B 19 17.07 40.33 15.41
N LYS B 20 16.42 39.20 15.13
CA LYS B 20 17.10 38.05 14.54
C LYS B 20 18.35 37.62 15.30
N LYS B 21 18.61 38.25 16.44
CA LYS B 21 19.76 37.90 17.26
C LYS B 21 19.37 36.75 18.17
N TYR B 22 19.03 35.62 17.57
CA TYR B 22 18.59 34.44 18.29
C TYR B 22 19.58 33.93 19.32
N ASP B 23 20.85 33.81 18.95
CA ASP B 23 21.86 33.35 19.89
C ASP B 23 22.06 34.37 20.99
N ASP B 24 21.57 35.58 20.74
CA ASP B 24 21.68 36.68 21.71
C ASP B 24 20.55 36.60 22.73
N ALA B 25 19.34 36.34 22.24
CA ALA B 25 18.17 36.24 23.10
C ALA B 25 18.34 35.13 24.14
N ILE B 26 18.60 33.92 23.66
CA ILE B 26 18.79 32.76 24.52
C ILE B 26 19.65 33.08 25.74
N LYS B 27 20.53 34.07 25.61
CA LYS B 27 21.40 34.47 26.70
C LYS B 27 20.63 35.07 27.87
N TYR B 28 19.87 36.13 27.60
CA TYR B 28 19.10 36.79 28.64
C TYR B 28 17.96 35.91 29.15
N TYR B 29 17.46 35.04 28.29
CA TYR B 29 16.38 34.14 28.68
C TYR B 29 16.96 33.10 29.63
N ASN B 30 18.24 32.78 29.42
CA ASN B 30 18.94 31.80 30.24
C ASN B 30 19.38 32.37 31.57
N TRP B 31 19.65 33.67 31.61
CA TRP B 31 20.05 34.29 32.87
C TRP B 31 18.78 34.60 33.65
N ALA B 32 17.70 34.82 32.91
CA ALA B 32 16.41 35.09 33.54
C ALA B 32 16.04 33.84 34.34
N LEU B 33 16.44 32.69 33.81
CA LEU B 33 16.15 31.42 34.47
C LEU B 33 17.04 31.17 35.68
N GLU B 34 17.82 32.19 36.04
CA GLU B 34 18.71 32.08 37.20
C GLU B 34 17.99 32.73 38.37
N LEU B 35 17.18 33.74 38.05
CA LEU B 35 16.42 34.45 39.06
C LEU B 35 15.10 33.71 39.27
N LYS B 36 14.23 33.79 38.28
CA LYS B 36 12.92 33.15 38.33
C LYS B 36 12.81 32.06 37.27
N GLU B 37 12.43 30.86 37.68
CA GLU B 37 12.26 29.73 36.76
C GLU B 37 10.83 29.75 36.22
N ASP B 38 10.52 30.77 35.44
CA ASP B 38 9.20 30.97 34.85
C ASP B 38 9.02 30.22 33.53
N PRO B 39 7.82 29.66 33.31
CA PRO B 39 7.48 28.91 32.10
C PRO B 39 7.74 29.68 30.82
N VAL B 40 7.25 30.92 30.77
CA VAL B 40 7.42 31.79 29.62
C VAL B 40 8.88 31.90 29.20
N PHE B 41 9.80 31.68 30.15
CA PHE B 41 11.22 31.74 29.83
C PHE B 41 11.60 30.53 28.99
N TYR B 42 11.27 29.33 29.48
CA TYR B 42 11.57 28.12 28.73
C TYR B 42 10.86 28.23 27.39
N SER B 43 9.63 28.71 27.42
CA SER B 43 8.84 28.89 26.20
C SER B 43 9.60 29.72 25.18
N ASN B 44 9.89 30.97 25.53
CA ASN B 44 10.64 31.87 24.66
C ASN B 44 11.97 31.25 24.27
N LEU B 45 12.66 30.68 25.25
CA LEU B 45 13.95 30.06 25.01
C LEU B 45 13.81 28.95 23.98
N SER B 46 12.62 28.36 23.89
CA SER B 46 12.37 27.29 22.92
C SER B 46 11.97 27.91 21.58
N ALA B 47 11.36 29.10 21.64
CA ALA B 47 10.94 29.81 20.44
C ALA B 47 12.18 30.19 19.63
N CYS B 48 13.29 30.38 20.34
CA CYS B 48 14.56 30.73 19.69
C CYS B 48 15.09 29.51 18.97
N TYR B 49 15.35 28.46 19.73
CA TYR B 49 15.86 27.21 19.21
C TYR B 49 15.12 26.73 17.95
N VAL B 50 13.88 27.15 17.79
CA VAL B 50 13.10 26.77 16.61
C VAL B 50 13.67 27.54 15.42
N SER B 51 13.78 28.85 15.57
CA SER B 51 14.31 29.71 14.52
C SER B 51 15.76 29.34 14.20
N VAL B 52 16.43 28.74 15.18
CA VAL B 52 17.80 28.31 15.01
C VAL B 52 17.80 26.86 14.54
N GLY B 53 16.62 26.38 14.16
CA GLY B 53 16.48 25.02 13.67
C GLY B 53 17.05 23.91 14.54
N ASP B 54 17.22 24.17 15.84
CA ASP B 54 17.76 23.17 16.74
C ASP B 54 16.59 22.37 17.35
N LEU B 55 15.99 21.52 16.53
CA LEU B 55 14.83 20.73 16.97
C LEU B 55 14.99 20.04 18.32
N LYS B 56 16.05 19.24 18.48
CA LYS B 56 16.26 18.54 19.75
C LYS B 56 16.08 19.47 20.95
N LYS B 57 16.72 20.62 20.90
CA LYS B 57 16.60 21.60 21.99
C LYS B 57 15.16 22.05 22.15
N VAL B 58 14.47 22.29 21.04
CA VAL B 58 13.09 22.74 21.07
C VAL B 58 12.22 21.80 21.90
N VAL B 59 12.37 20.50 21.69
CA VAL B 59 11.60 19.51 22.44
C VAL B 59 11.94 19.65 23.92
N GLU B 60 13.20 19.99 24.20
CA GLU B 60 13.67 20.14 25.57
C GLU B 60 13.03 21.35 26.28
N MET B 61 13.42 22.54 25.86
CA MET B 61 12.89 23.77 26.45
C MET B 61 11.37 23.80 26.40
N SER B 62 10.80 23.04 25.48
CA SER B 62 9.35 22.99 25.32
C SER B 62 8.73 22.10 26.40
N THR B 63 9.41 21.02 26.74
CA THR B 63 8.93 20.09 27.75
C THR B 63 9.00 20.66 29.15
N LYS B 64 10.16 21.22 29.51
CA LYS B 64 10.35 21.80 30.83
C LYS B 64 9.37 22.94 31.09
N ALA B 65 8.90 23.56 30.01
CA ALA B 65 7.93 24.65 30.12
C ALA B 65 6.60 24.05 30.53
N LEU B 66 6.28 22.92 29.90
CA LEU B 66 5.03 22.20 30.19
C LEU B 66 5.06 21.65 31.60
N GLU B 67 6.22 21.18 32.03
CA GLU B 67 6.38 20.62 33.36
C GLU B 67 6.14 21.64 34.47
N LEU B 68 5.76 22.85 34.08
CA LEU B 68 5.49 23.92 35.03
C LEU B 68 4.15 24.55 34.71
N LYS B 69 3.62 24.23 33.53
CA LYS B 69 2.34 24.74 33.06
C LYS B 69 1.81 23.81 31.97
N PRO B 70 1.27 22.65 32.37
CA PRO B 70 0.72 21.64 31.47
C PRO B 70 -0.30 22.14 30.45
N ASP B 71 -0.96 23.26 30.76
CA ASP B 71 -1.98 23.80 29.86
C ASP B 71 -1.39 24.87 28.95
N TYR B 72 -0.17 24.66 28.49
CA TYR B 72 0.51 25.62 27.61
C TYR B 72 0.34 25.15 26.16
N SER B 73 -0.85 25.40 25.60
CA SER B 73 -1.15 24.99 24.23
C SER B 73 -0.08 25.36 23.22
N LYS B 74 0.33 26.63 23.20
CA LYS B 74 1.36 27.08 22.27
C LYS B 74 2.60 26.19 22.32
N VAL B 75 3.17 26.03 23.51
CA VAL B 75 4.36 25.21 23.68
C VAL B 75 4.08 23.78 23.22
N LEU B 76 3.00 23.19 23.72
CA LEU B 76 2.64 21.83 23.34
C LEU B 76 2.59 21.72 21.83
N LEU B 77 1.88 22.64 21.19
CA LEU B 77 1.75 22.65 19.74
C LEU B 77 3.15 22.58 19.12
N ARG B 78 4.00 23.52 19.53
CA ARG B 78 5.37 23.61 19.04
C ARG B 78 6.12 22.29 19.18
N ARG B 79 6.07 21.69 20.36
CA ARG B 79 6.76 20.43 20.60
C ARG B 79 6.27 19.33 19.65
N ALA B 80 5.00 19.40 19.28
CA ALA B 80 4.43 18.41 18.38
C ALA B 80 5.09 18.55 17.01
N SER B 81 5.06 19.77 16.46
CA SER B 81 5.66 20.02 15.16
C SER B 81 7.17 19.84 15.26
N ALA B 82 7.71 19.97 16.46
CA ALA B 82 9.14 19.78 16.67
C ALA B 82 9.43 18.30 16.52
N ASN B 83 8.70 17.47 17.25
CA ASN B 83 8.88 16.02 17.19
C ASN B 83 8.80 15.50 15.75
N GLU B 84 7.72 15.86 15.06
CA GLU B 84 7.56 15.44 13.67
C GLU B 84 8.81 15.81 12.89
N GLY B 85 9.45 16.91 13.30
CA GLY B 85 10.66 17.33 12.64
C GLY B 85 11.79 16.33 12.83
N LEU B 86 11.79 15.65 13.97
CA LEU B 86 12.83 14.66 14.24
C LEU B 86 12.39 13.25 13.86
N GLY B 87 11.31 13.14 13.09
CA GLY B 87 10.82 11.84 12.67
C GLY B 87 10.12 11.06 13.77
N LYS B 88 9.80 11.72 14.88
CA LYS B 88 9.13 11.08 16.00
C LYS B 88 7.63 11.33 15.89
N PHE B 89 7.00 10.68 14.92
CA PHE B 89 5.58 10.86 14.67
C PHE B 89 4.67 10.38 15.80
N ALA B 90 5.01 9.24 16.41
CA ALA B 90 4.21 8.71 17.51
C ALA B 90 4.01 9.82 18.54
N ASP B 91 5.12 10.38 19.01
CA ASP B 91 5.05 11.46 19.99
C ASP B 91 4.24 12.60 19.39
N ALA B 92 4.61 13.01 18.18
CA ALA B 92 3.91 14.10 17.49
C ALA B 92 2.40 13.94 17.60
N MET B 93 1.92 12.71 17.40
CA MET B 93 0.49 12.44 17.49
C MET B 93 0.00 12.49 18.93
N PHE B 94 0.83 12.02 19.85
CA PHE B 94 0.46 12.04 21.25
C PHE B 94 0.18 13.48 21.65
N ASP B 95 1.18 14.34 21.42
CA ASP B 95 1.06 15.76 21.75
C ASP B 95 -0.16 16.42 21.12
N LEU B 96 -0.37 16.17 19.83
CA LEU B 96 -1.51 16.75 19.13
C LEU B 96 -2.82 16.29 19.73
N SER B 97 -2.86 15.02 20.13
CA SER B 97 -4.07 14.44 20.73
C SER B 97 -4.40 15.13 22.05
N VAL B 98 -3.42 15.21 22.94
CA VAL B 98 -3.61 15.86 24.22
C VAL B 98 -4.09 17.29 23.99
N LEU B 99 -3.45 17.96 23.04
CA LEU B 99 -3.80 19.33 22.71
C LEU B 99 -5.29 19.42 22.37
N SER B 100 -5.89 18.29 22.03
CA SER B 100 -7.30 18.23 21.68
C SER B 100 -8.14 18.09 22.94
N LEU B 101 -7.56 17.47 23.96
CA LEU B 101 -8.23 17.28 25.24
C LEU B 101 -7.93 18.49 26.11
N ASN B 102 -6.76 18.46 26.73
CA ASN B 102 -6.30 19.56 27.59
C ASN B 102 -6.70 20.92 27.04
N GLY B 103 -5.91 21.41 26.09
CA GLY B 103 -6.18 22.70 25.49
C GLY B 103 -7.60 22.80 24.97
N ASP B 104 -8.23 23.96 25.18
CA ASP B 104 -9.59 24.18 24.75
C ASP B 104 -9.64 24.46 23.24
N PHE B 105 -8.65 23.96 22.51
CA PHE B 105 -8.60 24.16 21.07
C PHE B 105 -9.78 23.46 20.39
N ASN B 106 -10.88 24.20 20.26
CA ASN B 106 -12.11 23.71 19.65
C ASN B 106 -11.97 23.45 18.16
N ASP B 107 -11.03 24.15 17.52
CA ASP B 107 -10.80 24.02 16.09
C ASP B 107 -10.69 22.56 15.64
N ALA B 108 -10.54 22.38 14.34
CA ALA B 108 -10.40 21.06 13.73
C ALA B 108 -9.07 21.04 13.00
N SER B 109 -8.33 22.14 13.12
CA SER B 109 -7.04 22.30 12.48
C SER B 109 -5.95 21.39 13.05
N ILE B 110 -6.30 20.51 13.97
CA ILE B 110 -5.30 19.59 14.51
C ILE B 110 -5.42 18.29 13.76
N GLU B 111 -6.64 18.02 13.29
CA GLU B 111 -6.95 16.80 12.54
C GLU B 111 -5.97 16.55 11.39
N PRO B 112 -5.85 17.50 10.46
CA PRO B 112 -4.93 17.32 9.34
C PRO B 112 -3.50 17.07 9.78
N MET B 113 -3.14 17.63 10.92
CA MET B 113 -1.80 17.47 11.46
C MET B 113 -1.60 16.04 11.95
N LEU B 114 -2.61 15.52 12.65
CA LEU B 114 -2.57 14.16 13.15
C LEU B 114 -2.48 13.16 12.02
N GLU B 115 -3.31 13.36 11.00
CA GLU B 115 -3.35 12.46 9.85
C GLU B 115 -2.07 12.50 9.04
N ARG B 116 -1.34 13.62 9.08
CA ARG B 116 -0.09 13.67 8.36
C ARG B 116 0.89 12.82 9.15
N ASN B 117 1.10 13.20 10.42
CA ASN B 117 2.00 12.46 11.30
C ASN B 117 1.63 11.00 11.33
N LEU B 118 0.34 10.70 11.47
CA LEU B 118 -0.11 9.33 11.49
C LEU B 118 0.40 8.65 10.23
N ASN B 119 0.00 9.18 9.08
CA ASN B 119 0.41 8.65 7.79
C ASN B 119 1.91 8.40 7.73
N LYS B 120 2.70 9.42 8.04
CA LYS B 120 4.15 9.26 8.04
C LYS B 120 4.55 8.04 8.87
N GLN B 121 4.02 7.98 10.08
CA GLN B 121 4.27 6.87 11.00
C GLN B 121 3.92 5.54 10.38
N ALA B 122 2.63 5.38 10.07
CA ALA B 122 2.13 4.15 9.47
C ALA B 122 3.06 3.61 8.39
N MET B 123 3.54 4.49 7.52
CA MET B 123 4.42 4.08 6.45
C MET B 123 5.78 3.62 6.98
N SER B 124 6.25 4.29 8.03
CA SER B 124 7.54 3.95 8.63
C SER B 124 7.56 2.55 9.21
N LYS B 125 6.45 2.13 9.80
CA LYS B 125 6.37 0.80 10.39
C LYS B 125 6.16 -0.21 9.29
N LEU B 126 5.30 0.13 8.33
CA LEU B 126 5.01 -0.77 7.22
C LEU B 126 6.29 -1.11 6.46
N LYS B 127 7.21 -0.15 6.38
CA LYS B 127 8.46 -0.37 5.67
C LYS B 127 9.40 -1.32 6.39
N GLU B 128 9.32 -1.38 7.72
CA GLU B 128 10.21 -2.26 8.46
C GLU B 128 9.70 -3.70 8.63
N LYS B 129 8.68 -4.07 7.86
CA LYS B 129 8.12 -5.43 7.91
C LYS B 129 7.89 -5.97 6.50
N ASN B 157 6.62 2.16 -17.46
CA ASN B 157 7.27 3.46 -17.36
C ASN B 157 8.57 3.36 -16.59
N LEU B 158 9.65 3.86 -17.19
CA LEU B 158 10.97 3.84 -16.56
C LEU B 158 10.95 4.68 -15.29
N PRO B 159 11.84 4.36 -14.34
CA PRO B 159 11.89 5.12 -13.08
C PRO B 159 12.30 6.57 -13.29
N SER B 160 13.02 7.13 -12.32
CA SER B 160 13.45 8.51 -12.39
C SER B 160 14.88 8.59 -12.93
N VAL B 161 15.15 9.61 -13.74
CA VAL B 161 16.47 9.81 -14.33
C VAL B 161 17.59 9.79 -13.29
N THR B 162 17.45 10.60 -12.25
CA THR B 162 18.45 10.67 -11.19
C THR B 162 18.66 9.33 -10.50
N SER B 163 17.65 8.47 -10.53
CA SER B 163 17.75 7.15 -9.89
C SER B 163 18.54 6.20 -10.79
N MET B 164 18.10 6.07 -12.03
CA MET B 164 18.79 5.20 -13.00
C MET B 164 20.26 5.60 -13.07
N ALA B 165 20.49 6.91 -13.11
CA ALA B 165 21.84 7.46 -13.19
C ALA B 165 22.75 6.92 -12.09
N SER B 166 22.17 6.56 -10.95
CA SER B 166 22.94 6.04 -9.84
C SER B 166 23.17 4.53 -9.97
N PHE B 167 22.14 3.82 -10.39
CA PHE B 167 22.21 2.37 -10.56
C PHE B 167 23.40 1.99 -11.45
N PHE B 168 23.41 2.50 -12.68
CA PHE B 168 24.48 2.21 -13.63
C PHE B 168 25.83 2.81 -13.23
N GLY B 169 25.77 3.81 -12.35
CA GLY B 169 26.99 4.47 -11.91
C GLY B 169 28.11 3.57 -11.41
N ILE B 170 27.84 2.30 -11.18
CA ILE B 170 28.87 1.39 -10.68
C ILE B 170 29.54 0.58 -11.78
N PHE B 171 28.94 0.54 -12.96
CA PHE B 171 29.49 -0.22 -14.07
C PHE B 171 30.42 0.57 -14.97
N LYS B 172 31.61 0.03 -15.21
CA LYS B 172 32.58 0.68 -16.07
C LYS B 172 32.03 0.75 -17.50
N PRO B 173 31.93 1.98 -18.04
CA PRO B 173 31.42 2.24 -19.39
C PRO B 173 31.74 1.16 -20.41
N GLU B 174 30.79 0.91 -21.29
CA GLU B 174 30.93 -0.11 -22.33
C GLU B 174 30.45 0.54 -23.63
N LEU B 175 31.38 1.16 -24.35
CA LEU B 175 31.06 1.86 -25.58
C LEU B 175 31.22 1.04 -26.86
N THR B 176 31.92 -0.08 -26.79
CA THR B 176 32.12 -0.89 -27.99
C THR B 176 32.18 -2.39 -27.73
N PHE B 177 31.51 -3.16 -28.59
CA PHE B 177 31.49 -4.62 -28.48
C PHE B 177 32.18 -5.26 -29.68
N ALA B 178 32.65 -6.49 -29.51
CA ALA B 178 33.35 -7.23 -30.56
C ALA B 178 32.56 -7.44 -31.85
N ASN B 179 33.27 -7.51 -32.97
CA ASN B 179 32.67 -7.72 -34.29
C ASN B 179 31.61 -6.66 -34.59
N TYR B 180 31.96 -5.41 -34.35
CA TYR B 180 31.02 -4.33 -34.58
C TYR B 180 30.66 -4.00 -36.02
N ASP B 181 29.37 -4.10 -36.30
CA ASP B 181 28.80 -3.76 -37.60
C ASP B 181 29.46 -4.34 -38.85
N GLU B 182 28.74 -4.21 -39.94
CA GLU B 182 29.13 -4.65 -41.28
C GLU B 182 28.28 -3.70 -42.13
N SER B 183 27.30 -3.14 -41.45
CA SER B 183 26.31 -2.18 -41.95
C SER B 183 25.07 -2.41 -41.10
N ASN B 184 24.75 -3.69 -40.91
CA ASN B 184 23.63 -4.16 -40.12
C ASN B 184 23.05 -3.14 -39.12
N GLU B 185 21.77 -2.83 -39.26
CA GLU B 185 21.09 -1.88 -38.39
C GLU B 185 21.15 -2.28 -36.92
N ALA B 186 20.94 -3.58 -36.67
CA ALA B 186 20.98 -4.10 -35.31
C ALA B 186 22.26 -3.62 -34.65
N ASP B 187 23.40 -3.95 -35.25
CA ASP B 187 24.69 -3.55 -34.71
C ASP B 187 24.79 -2.04 -34.49
N LYS B 188 24.20 -1.26 -35.39
CA LYS B 188 24.22 0.19 -35.24
C LYS B 188 23.39 0.54 -34.02
N GLU B 189 22.22 -0.08 -33.92
CA GLU B 189 21.31 0.15 -32.81
C GLU B 189 21.96 -0.19 -31.47
N LEU B 190 22.55 -1.36 -31.38
CA LEU B 190 23.20 -1.77 -30.14
C LEU B 190 24.22 -0.72 -29.73
N MET B 191 24.99 -0.24 -30.70
CA MET B 191 26.00 0.77 -30.43
C MET B 191 25.33 2.06 -29.94
N ASN B 192 24.39 2.56 -30.74
CA ASN B 192 23.65 3.77 -30.39
C ASN B 192 23.05 3.59 -29.00
N GLY B 193 22.68 2.35 -28.70
CA GLY B 193 22.11 2.05 -27.39
C GLY B 193 23.15 2.24 -26.31
N LEU B 194 24.23 1.47 -26.40
CA LEU B 194 25.32 1.55 -25.43
C LEU B 194 25.76 3.00 -25.26
N SER B 195 25.77 3.72 -26.38
CA SER B 195 26.16 5.12 -26.38
C SER B 195 25.30 5.91 -25.39
N ASN B 196 23.99 5.87 -25.62
CA ASN B 196 23.06 6.58 -24.75
C ASN B 196 23.01 6.06 -23.32
N LEU B 197 23.29 4.76 -23.15
CA LEU B 197 23.27 4.15 -21.81
C LEU B 197 24.08 5.04 -20.88
N TYR B 198 25.35 5.21 -21.21
CA TYR B 198 26.25 6.05 -20.44
C TYR B 198 26.03 7.46 -20.97
N LYS B 199 27.08 8.28 -21.03
CA LYS B 199 26.92 9.63 -21.55
C LYS B 199 26.06 10.45 -20.58
N ARG B 200 25.66 9.83 -19.47
CA ARG B 200 24.83 10.48 -18.47
C ARG B 200 23.66 11.16 -19.17
N SER B 201 23.45 12.44 -18.86
CA SER B 201 22.40 13.25 -19.46
C SER B 201 21.00 12.65 -19.48
N PRO B 202 19.98 13.47 -19.20
CA PRO B 202 18.59 13.00 -19.19
C PRO B 202 18.22 12.64 -20.63
N GLU B 203 17.06 12.01 -20.82
CA GLU B 203 16.61 11.63 -22.16
C GLU B 203 17.53 10.59 -22.78
N SER B 204 18.79 10.57 -22.35
CA SER B 204 19.77 9.63 -22.87
C SER B 204 19.37 8.20 -22.52
N TYR B 205 18.67 8.05 -21.41
CA TYR B 205 18.20 6.74 -20.97
C TYR B 205 17.01 6.32 -21.81
N ASP B 206 16.00 7.18 -21.90
CA ASP B 206 14.81 6.88 -22.67
C ASP B 206 15.16 6.37 -24.06
N LYS B 207 16.24 6.89 -24.64
CA LYS B 207 16.65 6.45 -25.95
C LYS B 207 17.36 5.11 -25.90
N ALA B 208 18.16 4.90 -24.85
CA ALA B 208 18.88 3.65 -24.69
C ALA B 208 17.87 2.50 -24.65
N ASP B 209 16.90 2.61 -23.74
CA ASP B 209 15.85 1.61 -23.57
C ASP B 209 15.20 1.34 -24.93
N GLU B 210 14.84 2.41 -25.62
CA GLU B 210 14.20 2.31 -26.92
C GLU B 210 15.07 1.62 -27.98
N SER B 211 16.40 1.72 -27.82
CA SER B 211 17.32 1.10 -28.78
C SER B 211 17.63 -0.37 -28.49
N PHE B 212 17.88 -0.69 -27.23
CA PHE B 212 18.18 -2.07 -26.85
C PHE B 212 17.06 -3.03 -27.26
N THR B 213 15.81 -2.58 -27.13
CA THR B 213 14.69 -3.42 -27.49
C THR B 213 14.63 -3.61 -29.01
N LYS B 214 15.00 -2.57 -29.75
CA LYS B 214 14.99 -2.62 -31.21
C LYS B 214 16.15 -3.50 -31.68
N ALA B 215 17.29 -3.32 -31.03
CA ALA B 215 18.49 -4.08 -31.33
C ALA B 215 18.25 -5.56 -31.05
N ALA B 216 17.57 -5.84 -29.94
CA ALA B 216 17.27 -7.21 -29.55
C ALA B 216 16.40 -7.86 -30.62
N ARG B 217 15.39 -7.14 -31.07
CA ARG B 217 14.49 -7.64 -32.10
C ARG B 217 15.27 -8.08 -33.33
N LEU B 218 15.92 -7.13 -33.98
CA LEU B 218 16.70 -7.41 -35.18
C LEU B 218 17.65 -8.58 -35.03
N PHE B 219 18.59 -8.48 -34.09
CA PHE B 219 19.54 -9.56 -33.86
C PHE B 219 18.88 -10.90 -33.66
N GLU B 220 17.61 -10.89 -33.25
CA GLU B 220 16.90 -12.15 -33.06
C GLU B 220 16.48 -12.64 -34.45
N GLU B 221 15.81 -11.77 -35.21
CA GLU B 221 15.40 -12.12 -36.57
C GLU B 221 16.58 -12.71 -37.33
N GLN B 222 17.76 -12.16 -37.07
CA GLN B 222 18.98 -12.62 -37.72
C GLN B 222 19.52 -13.92 -37.15
N LEU B 223 19.49 -14.06 -35.82
CA LEU B 223 19.99 -15.28 -35.19
C LEU B 223 19.09 -16.44 -35.61
N ASP B 224 17.88 -16.12 -36.03
CA ASP B 224 16.95 -17.16 -36.47
C ASP B 224 17.36 -17.64 -37.87
N LYS B 225 18.19 -16.84 -38.52
CA LYS B 225 18.69 -17.14 -39.85
C LYS B 225 19.91 -18.05 -39.73
N ASN B 226 20.61 -17.94 -38.61
CA ASN B 226 21.80 -18.75 -38.32
C ASN B 226 21.89 -19.02 -36.84
N ASN B 227 21.35 -20.16 -36.42
CA ASN B 227 21.35 -20.56 -35.02
C ASN B 227 22.74 -20.60 -34.39
N GLU B 228 23.68 -21.23 -35.09
CA GLU B 228 25.03 -21.39 -34.56
C GLU B 228 26.04 -20.25 -34.77
N ASP B 229 25.58 -19.07 -35.18
CA ASP B 229 26.50 -17.95 -35.36
C ASP B 229 26.84 -17.37 -34.00
N GLU B 230 28.05 -17.64 -33.52
CA GLU B 230 28.48 -17.15 -32.22
C GLU B 230 28.54 -15.63 -32.17
N LYS B 231 28.57 -14.99 -33.34
CA LYS B 231 28.62 -13.53 -33.39
C LYS B 231 27.25 -12.95 -33.12
N LEU B 232 26.21 -13.60 -33.66
CA LEU B 232 24.85 -13.14 -33.44
C LEU B 232 24.44 -13.45 -32.02
N LYS B 233 24.93 -14.57 -31.49
CA LYS B 233 24.62 -14.96 -30.13
C LYS B 233 25.11 -13.87 -29.18
N GLU B 234 26.40 -13.59 -29.22
CA GLU B 234 26.98 -12.56 -28.37
C GLU B 234 26.20 -11.25 -28.47
N LYS B 235 26.01 -10.77 -29.70
CA LYS B 235 25.27 -9.54 -29.91
C LYS B 235 23.92 -9.60 -29.20
N LEU B 236 23.10 -10.58 -29.58
CA LEU B 236 21.78 -10.75 -28.97
C LEU B 236 21.88 -10.85 -27.46
N ALA B 237 22.91 -11.54 -26.98
CA ALA B 237 23.12 -11.70 -25.55
C ALA B 237 23.18 -10.34 -24.87
N ILE B 238 24.18 -9.54 -25.23
CA ILE B 238 24.35 -8.22 -24.64
C ILE B 238 23.15 -7.35 -25.01
N SER B 239 22.46 -7.72 -26.08
CA SER B 239 21.28 -6.98 -26.52
C SER B 239 20.17 -7.26 -25.52
N LEU B 240 19.84 -8.54 -25.32
CA LEU B 240 18.80 -8.94 -24.39
C LEU B 240 19.17 -8.51 -22.98
N GLU B 241 20.39 -8.82 -22.56
CA GLU B 241 20.85 -8.45 -21.23
C GLU B 241 20.43 -7.04 -20.86
N HIS B 242 20.70 -6.08 -21.73
CA HIS B 242 20.33 -4.69 -21.47
C HIS B 242 18.84 -4.45 -21.47
N THR B 243 18.12 -5.06 -22.40
CA THR B 243 16.67 -4.89 -22.44
C THR B 243 16.14 -5.45 -21.14
N GLY B 244 16.71 -6.59 -20.74
CA GLY B 244 16.31 -7.23 -19.51
C GLY B 244 16.38 -6.30 -18.31
N ILE B 245 17.59 -5.93 -17.92
CA ILE B 245 17.76 -5.04 -16.78
C ILE B 245 16.81 -3.86 -16.84
N PHE B 246 16.55 -3.34 -18.03
CA PHE B 246 15.63 -2.21 -18.14
C PHE B 246 14.25 -2.62 -17.70
N LYS B 247 13.85 -3.85 -18.04
CA LYS B 247 12.55 -4.36 -17.67
C LYS B 247 12.49 -4.55 -16.16
N PHE B 248 13.64 -4.87 -15.56
CA PHE B 248 13.72 -5.05 -14.13
C PHE B 248 13.66 -3.69 -13.45
N LEU B 249 13.50 -2.65 -14.26
CA LEU B 249 13.41 -1.29 -13.74
C LEU B 249 12.07 -0.68 -14.11
N LYS B 250 11.60 -0.97 -15.33
CA LYS B 250 10.30 -0.47 -15.76
C LYS B 250 9.35 -1.20 -14.82
N ASN B 251 9.94 -2.15 -14.09
CA ASN B 251 9.30 -2.96 -13.07
C ASN B 251 8.71 -4.32 -13.40
N ASP B 252 9.13 -5.31 -12.60
CA ASP B 252 8.68 -6.69 -12.71
C ASP B 252 9.76 -7.63 -13.29
N PRO B 253 10.43 -8.41 -12.43
CA PRO B 253 11.48 -9.35 -12.82
C PRO B 253 10.98 -10.46 -13.75
N LEU B 254 9.68 -10.68 -13.76
CA LEU B 254 9.08 -11.71 -14.60
C LEU B 254 9.66 -11.61 -16.01
N GLY B 255 9.51 -10.43 -16.62
CA GLY B 255 10.03 -10.21 -17.95
C GLY B 255 11.54 -10.06 -18.03
N ALA B 256 12.14 -9.53 -16.97
CA ALA B 256 13.59 -9.35 -16.95
C ALA B 256 14.29 -10.71 -16.85
N HIS B 257 13.84 -11.53 -15.91
CA HIS B 257 14.41 -12.85 -15.68
C HIS B 257 14.50 -13.70 -16.94
N GLU B 258 13.42 -13.75 -17.71
CA GLU B 258 13.40 -14.55 -18.93
C GLU B 258 14.37 -13.99 -19.96
N ASP B 259 14.39 -12.66 -20.10
CA ASP B 259 15.28 -12.01 -21.05
C ASP B 259 16.76 -12.21 -20.74
N ILE B 260 17.18 -11.86 -19.52
CA ILE B 260 18.58 -12.04 -19.19
C ILE B 260 18.93 -13.51 -19.06
N LYS B 261 17.91 -14.35 -18.87
CA LYS B 261 18.15 -15.79 -18.78
C LYS B 261 18.55 -16.29 -20.16
N LYS B 262 17.77 -15.92 -21.17
CA LYS B 262 18.06 -16.33 -22.53
C LYS B 262 19.41 -15.75 -22.95
N ALA B 263 19.74 -14.60 -22.38
CA ALA B 263 21.00 -13.94 -22.68
C ALA B 263 22.16 -14.75 -22.10
N ILE B 264 21.88 -15.51 -21.06
CA ILE B 264 22.91 -16.34 -20.43
C ILE B 264 23.01 -17.71 -21.11
N GLU B 265 21.96 -18.10 -21.82
CA GLU B 265 21.97 -19.38 -22.52
C GLU B 265 22.62 -19.20 -23.89
N LEU B 266 22.60 -17.97 -24.39
CA LEU B 266 23.18 -17.66 -25.69
C LEU B 266 24.68 -17.37 -25.60
N PHE B 267 25.08 -16.70 -24.53
CA PHE B 267 26.47 -16.33 -24.35
C PHE B 267 26.59 -15.73 -22.94
N PRO B 268 27.01 -16.55 -21.95
CA PRO B 268 27.16 -16.13 -20.56
C PRO B 268 27.29 -14.62 -20.36
N ARG B 269 28.51 -14.11 -20.14
CA ARG B 269 28.73 -12.68 -19.96
C ARG B 269 28.56 -12.20 -18.52
N VAL B 270 29.67 -11.93 -17.85
CA VAL B 270 29.68 -11.47 -16.46
C VAL B 270 28.54 -10.53 -16.06
N ASN B 271 28.45 -9.40 -16.76
CA ASN B 271 27.43 -8.41 -16.45
C ASN B 271 26.01 -8.96 -16.34
N SER B 272 25.71 -10.03 -17.08
CA SER B 272 24.37 -10.62 -17.02
C SER B 272 24.14 -11.37 -15.72
N TYR B 273 25.13 -12.14 -15.28
CA TYR B 273 25.01 -12.89 -14.03
C TYR B 273 24.66 -11.96 -12.88
N ILE B 274 25.32 -10.81 -12.80
CA ILE B 274 25.05 -9.85 -11.74
C ILE B 274 23.58 -9.45 -11.74
N TYR B 275 23.07 -9.05 -12.90
CA TYR B 275 21.66 -8.65 -12.99
C TYR B 275 20.73 -9.78 -12.56
N MET B 276 21.12 -11.02 -12.84
CA MET B 276 20.30 -12.16 -12.48
C MET B 276 20.19 -12.22 -10.95
N ALA B 277 21.34 -12.29 -10.28
CA ALA B 277 21.38 -12.34 -8.83
C ALA B 277 20.54 -11.22 -8.20
N LEU B 278 20.28 -10.17 -8.97
CA LEU B 278 19.49 -9.05 -8.47
C LEU B 278 18.01 -9.29 -8.70
N ILE B 279 17.65 -9.72 -9.91
CA ILE B 279 16.25 -9.99 -10.22
C ILE B 279 15.79 -11.18 -9.37
N MET B 280 16.74 -12.04 -9.02
CA MET B 280 16.44 -13.22 -8.21
C MET B 280 16.33 -12.86 -6.74
N ALA B 281 17.32 -12.16 -6.22
CA ALA B 281 17.30 -11.76 -4.82
C ALA B 281 16.04 -10.96 -4.51
N ASP B 282 15.38 -10.46 -5.55
CA ASP B 282 14.17 -9.69 -5.38
C ASP B 282 13.02 -10.56 -4.88
N ARG B 283 12.72 -11.62 -5.64
CA ARG B 283 11.64 -12.53 -5.28
C ARG B 283 11.81 -13.15 -3.89
N ASN B 284 11.68 -14.47 -3.82
CA ASN B 284 11.81 -15.17 -2.55
C ASN B 284 13.16 -15.89 -2.47
N ASP B 285 13.40 -16.53 -1.33
CA ASP B 285 14.64 -17.27 -1.10
C ASP B 285 15.19 -17.99 -2.33
N SER B 286 16.52 -18.08 -2.42
CA SER B 286 17.18 -18.74 -3.53
C SER B 286 18.64 -19.07 -3.22
N THR B 287 18.92 -20.34 -3.00
CA THR B 287 20.28 -20.79 -2.70
C THR B 287 21.10 -20.73 -3.99
N GLU B 288 20.49 -20.16 -5.03
CA GLU B 288 21.12 -20.04 -6.33
C GLU B 288 21.61 -18.62 -6.64
N TYR B 289 20.85 -17.62 -6.21
CA TYR B 289 21.24 -16.24 -6.49
C TYR B 289 22.55 -15.85 -5.81
N TYR B 290 23.12 -16.79 -5.05
CA TYR B 290 24.38 -16.56 -4.38
C TYR B 290 25.46 -17.17 -5.27
N ASN B 291 25.10 -18.29 -5.90
CA ASN B 291 26.01 -19.01 -6.79
C ASN B 291 26.22 -18.26 -8.10
N TYR B 292 25.30 -17.35 -8.41
CA TYR B 292 25.40 -16.57 -9.64
C TYR B 292 26.64 -15.70 -9.65
N PHE B 293 26.98 -15.13 -8.50
CA PHE B 293 28.17 -14.28 -8.40
C PHE B 293 29.43 -15.09 -8.70
N ASP B 294 29.49 -16.30 -8.16
CA ASP B 294 30.65 -17.16 -8.37
C ASP B 294 30.77 -17.51 -9.85
N LYS B 295 29.63 -17.71 -10.51
CA LYS B 295 29.63 -18.04 -11.93
C LYS B 295 30.25 -16.88 -12.68
N ALA B 296 29.82 -15.67 -12.33
CA ALA B 296 30.33 -14.46 -12.96
C ALA B 296 31.85 -14.44 -12.79
N LEU B 297 32.28 -14.55 -11.53
CA LEU B 297 33.70 -14.55 -11.20
C LEU B 297 34.53 -15.46 -12.11
N LYS B 298 33.98 -16.63 -12.43
CA LYS B 298 34.68 -17.58 -13.29
C LYS B 298 35.08 -16.99 -14.64
N LEU B 299 34.56 -15.81 -14.95
CA LEU B 299 34.87 -15.15 -16.21
C LEU B 299 35.99 -14.13 -16.03
N ASP B 300 35.70 -13.05 -15.33
CA ASP B 300 36.68 -11.99 -15.08
C ASP B 300 36.93 -11.88 -13.58
N SER B 301 37.44 -12.95 -12.99
CA SER B 301 37.73 -13.00 -11.55
C SER B 301 38.10 -11.66 -10.93
N ASN B 302 38.95 -10.90 -11.62
CA ASN B 302 39.39 -9.61 -11.13
C ASN B 302 38.43 -8.48 -11.51
N ASN B 303 37.16 -8.81 -11.60
CA ASN B 303 36.13 -7.84 -11.94
C ASN B 303 35.73 -7.09 -10.67
N SER B 304 35.58 -5.78 -10.78
CA SER B 304 35.22 -4.96 -9.62
C SER B 304 33.74 -5.05 -9.27
N SER B 305 32.88 -4.69 -10.20
CA SER B 305 31.44 -4.70 -9.99
C SER B 305 30.92 -5.92 -9.22
N VAL B 306 31.31 -7.12 -9.64
CA VAL B 306 30.87 -8.33 -8.97
C VAL B 306 31.02 -8.20 -7.46
N TYR B 307 32.28 -8.13 -6.99
CA TYR B 307 32.54 -8.00 -5.57
C TYR B 307 31.76 -6.83 -4.94
N TYR B 308 31.46 -5.81 -5.73
CA TYR B 308 30.73 -4.68 -5.19
C TYR B 308 29.28 -5.07 -4.92
N HIS B 309 28.71 -5.88 -5.79
CA HIS B 309 27.32 -6.32 -5.61
C HIS B 309 27.22 -7.41 -4.55
N ARG B 310 28.20 -8.32 -4.52
CA ARG B 310 28.19 -9.40 -3.54
C ARG B 310 28.27 -8.76 -2.15
N GLY B 311 28.85 -7.57 -2.10
CA GLY B 311 28.96 -6.84 -0.85
C GLY B 311 27.62 -6.20 -0.53
N GLN B 312 26.82 -5.99 -1.55
CA GLN B 312 25.49 -5.40 -1.39
C GLN B 312 24.58 -6.41 -0.72
N MET B 313 24.57 -7.63 -1.26
CA MET B 313 23.74 -8.68 -0.71
C MET B 313 24.15 -8.92 0.74
N ASN B 314 25.44 -9.16 0.96
CA ASN B 314 25.93 -9.37 2.31
C ASN B 314 25.56 -8.18 3.18
N PHE B 315 25.56 -6.98 2.59
CA PHE B 315 25.21 -5.78 3.32
C PHE B 315 23.75 -5.80 3.75
N ILE B 316 22.86 -6.20 2.85
CA ILE B 316 21.43 -6.26 3.18
C ILE B 316 21.14 -7.44 4.10
N LEU B 317 21.85 -8.55 3.87
CA LEU B 317 21.67 -9.74 4.69
C LEU B 317 22.28 -9.52 6.06
N GLN B 318 22.38 -8.25 6.47
CA GLN B 318 22.95 -7.88 7.76
C GLN B 318 24.36 -8.42 7.92
N ASN B 319 24.81 -9.17 6.93
CA ASN B 319 26.15 -9.78 6.93
C ASN B 319 27.24 -8.71 6.94
N TYR B 320 27.09 -7.73 7.82
CA TYR B 320 28.03 -6.62 7.97
C TYR B 320 29.48 -7.09 7.91
N ASP B 321 29.70 -8.36 8.22
CA ASP B 321 31.04 -8.95 8.20
C ASP B 321 31.61 -9.01 6.79
N GLN B 322 31.23 -10.05 6.06
CA GLN B 322 31.71 -10.25 4.69
C GLN B 322 31.35 -9.08 3.78
N ALA B 323 30.36 -8.30 4.17
CA ALA B 323 29.93 -7.14 3.38
C ALA B 323 31.11 -6.22 3.12
N GLY B 324 32.03 -6.14 4.08
CA GLY B 324 33.19 -5.27 3.93
C GLY B 324 34.32 -5.89 3.16
N LYS B 325 34.63 -7.16 3.44
CA LYS B 325 35.72 -7.85 2.76
C LYS B 325 35.53 -7.74 1.25
N ASP B 326 34.29 -7.94 0.79
CA ASP B 326 33.99 -7.87 -0.64
C ASP B 326 34.19 -6.49 -1.25
N PHE B 327 34.07 -5.44 -0.44
CA PHE B 327 34.25 -4.09 -0.94
C PHE B 327 35.72 -3.74 -1.13
N ASP B 328 36.53 -4.01 -0.11
CA ASP B 328 37.97 -3.72 -0.19
C ASP B 328 38.54 -4.43 -1.42
N LYS B 329 38.10 -5.66 -1.63
CA LYS B 329 38.57 -6.46 -2.76
C LYS B 329 38.05 -5.83 -4.05
N ALA B 330 36.96 -5.08 -3.94
CA ALA B 330 36.38 -4.42 -5.10
C ALA B 330 37.02 -3.05 -5.29
N LYS B 331 37.58 -2.53 -4.21
CA LYS B 331 38.23 -1.23 -4.24
C LYS B 331 39.64 -1.37 -4.81
N GLU B 332 40.25 -2.54 -4.60
CA GLU B 332 41.60 -2.81 -5.10
C GLU B 332 41.56 -2.97 -6.61
N LEU B 333 40.54 -3.65 -7.09
CA LEU B 333 40.37 -3.91 -8.52
C LEU B 333 39.91 -2.67 -9.30
N ASP B 334 39.78 -1.55 -8.60
CA ASP B 334 39.35 -0.31 -9.23
C ASP B 334 39.29 0.83 -8.21
N PRO B 335 40.44 1.22 -7.65
CA PRO B 335 40.53 2.29 -6.65
C PRO B 335 39.94 3.61 -7.13
N GLU B 336 39.79 3.74 -8.45
CA GLU B 336 39.24 4.96 -9.03
C GLU B 336 37.73 5.05 -8.88
N ASN B 337 37.10 3.95 -8.49
CA ASN B 337 35.66 3.93 -8.33
C ASN B 337 35.25 4.43 -6.94
N ILE B 338 34.44 5.48 -6.94
CA ILE B 338 33.96 6.12 -5.72
C ILE B 338 33.04 5.25 -4.87
N PHE B 339 32.06 4.62 -5.51
CA PHE B 339 31.08 3.78 -4.84
C PHE B 339 31.63 2.78 -3.82
N PRO B 340 32.66 2.01 -4.21
CA PRO B 340 33.18 1.05 -3.22
C PRO B 340 33.50 1.78 -1.91
N TYR B 341 33.99 3.02 -2.03
CA TYR B 341 34.33 3.81 -0.86
C TYR B 341 33.09 4.24 -0.11
N ILE B 342 32.16 4.90 -0.81
CA ILE B 342 30.91 5.38 -0.22
C ILE B 342 30.18 4.31 0.57
N GLN B 343 30.26 3.07 0.11
CA GLN B 343 29.58 2.00 0.80
C GLN B 343 30.26 1.78 2.15
N LEU B 344 31.49 1.26 2.13
CA LEU B 344 32.24 1.05 3.37
C LEU B 344 32.23 2.36 4.17
N ALA B 345 32.18 3.48 3.45
CA ALA B 345 32.17 4.81 4.07
C ALA B 345 31.26 4.87 5.29
N CYS B 346 30.17 4.10 5.27
CA CYS B 346 29.26 4.09 6.41
C CYS B 346 28.66 2.70 6.68
N LEU B 347 29.30 1.65 6.14
CA LEU B 347 28.85 0.28 6.38
C LEU B 347 29.10 0.08 7.87
N ALA B 348 29.75 1.09 8.46
CA ALA B 348 30.10 1.14 9.88
C ALA B 348 28.99 1.84 10.64
N TYR B 349 28.30 2.75 9.98
CA TYR B 349 27.19 3.48 10.59
C TYR B 349 26.14 2.46 11.00
N ARG B 350 25.81 1.57 10.07
CA ARG B 350 24.82 0.50 10.29
C ARG B 350 25.40 -0.40 11.38
N GLU B 351 26.66 -0.12 11.73
CA GLU B 351 27.38 -0.86 12.77
C GLU B 351 27.73 0.07 13.92
N ASN B 352 26.80 0.99 14.22
CA ASN B 352 26.91 1.99 15.27
C ASN B 352 28.18 2.84 15.28
N LYS B 353 29.31 2.23 14.91
CA LYS B 353 30.58 2.95 14.87
C LYS B 353 30.52 4.14 13.92
N PHE B 354 30.04 5.27 14.46
CA PHE B 354 29.90 6.49 13.67
C PHE B 354 31.23 7.09 13.21
N ASP B 355 32.03 7.54 14.17
CA ASP B 355 33.33 8.16 13.88
C ASP B 355 34.06 7.55 12.70
N ASP B 356 34.03 6.21 12.62
CA ASP B 356 34.67 5.49 11.54
C ASP B 356 34.07 5.89 10.20
N CYS B 357 32.75 6.03 10.18
CA CYS B 357 32.04 6.42 8.96
C CYS B 357 32.38 7.85 8.60
N GLU B 358 32.73 8.64 9.60
CA GLU B 358 33.08 10.03 9.39
C GLU B 358 34.42 10.15 8.66
N THR B 359 35.49 9.66 9.27
CA THR B 359 36.82 9.72 8.66
C THR B 359 36.80 9.02 7.31
N LEU B 360 35.99 7.98 7.21
CA LEU B 360 35.86 7.21 5.99
C LEU B 360 35.23 8.06 4.90
N PHE B 361 34.30 8.92 5.30
CA PHE B 361 33.64 9.82 4.35
C PHE B 361 34.58 10.96 4.02
N SER B 362 35.49 11.25 4.95
CA SER B 362 36.48 12.31 4.76
C SER B 362 37.51 11.75 3.80
N GLU B 363 38.08 10.61 4.18
CA GLU B 363 39.08 9.92 3.38
C GLU B 363 38.71 9.94 1.90
N ALA B 364 37.43 9.74 1.62
CA ALA B 364 36.94 9.72 0.24
C ALA B 364 36.59 11.12 -0.23
N LYS B 365 36.05 11.93 0.66
CA LYS B 365 35.67 13.29 0.32
C LYS B 365 36.85 14.03 -0.29
N ARG B 366 38.06 13.73 0.18
CA ARG B 366 39.26 14.39 -0.33
C ARG B 366 40.18 13.51 -1.18
N LYS B 367 39.62 12.46 -1.77
CA LYS B 367 40.40 11.59 -2.63
C LYS B 367 39.72 11.62 -4.00
N PHE B 368 38.49 12.11 -3.98
CA PHE B 368 37.65 12.27 -5.18
C PHE B 368 36.88 13.57 -4.92
N PRO B 369 37.60 14.64 -4.51
CA PRO B 369 37.01 15.95 -4.22
C PRO B 369 36.34 16.66 -5.39
N GLU B 370 35.69 15.89 -6.25
CA GLU B 370 35.00 16.46 -7.40
C GLU B 370 33.71 15.70 -7.63
N ALA B 371 33.58 14.56 -6.96
CA ALA B 371 32.41 13.71 -7.07
C ALA B 371 31.29 14.13 -6.13
N PRO B 372 30.11 14.46 -6.68
CA PRO B 372 28.94 14.88 -5.90
C PRO B 372 28.39 13.76 -5.03
N GLU B 373 28.66 12.52 -5.41
CA GLU B 373 28.19 11.35 -4.67
C GLU B 373 28.56 11.42 -3.18
N VAL B 374 29.84 11.30 -2.89
CA VAL B 374 30.31 11.34 -1.52
C VAL B 374 29.58 12.38 -0.68
N PRO B 375 29.50 13.63 -1.18
CA PRO B 375 28.81 14.70 -0.45
C PRO B 375 27.32 14.48 -0.24
N ASN B 376 26.65 13.89 -1.23
CA ASN B 376 25.22 13.64 -1.13
C ASN B 376 24.91 12.46 -0.23
N PHE B 377 25.69 11.38 -0.36
CA PHE B 377 25.47 10.20 0.47
C PHE B 377 25.93 10.43 1.90
N PHE B 378 26.61 11.53 2.14
CA PHE B 378 27.06 11.86 3.49
C PHE B 378 25.92 12.63 4.11
N ALA B 379 25.34 13.51 3.31
CA ALA B 379 24.23 14.34 3.75
C ALA B 379 23.02 13.50 4.13
N GLU B 380 22.76 12.44 3.36
CA GLU B 380 21.63 11.56 3.64
C GLU B 380 21.87 10.87 4.99
N ILE B 381 23.14 10.73 5.34
CA ILE B 381 23.52 10.09 6.59
C ILE B 381 23.50 11.07 7.76
N LEU B 382 24.23 12.18 7.60
CA LEU B 382 24.28 13.20 8.64
C LEU B 382 22.86 13.53 9.10
N THR B 383 21.93 13.50 8.16
CA THR B 383 20.54 13.81 8.46
C THR B 383 19.91 12.69 9.31
N ASP B 384 20.26 11.44 8.98
CA ASP B 384 19.73 10.29 9.71
C ASP B 384 20.14 10.36 11.19
N LYS B 385 21.28 11.00 11.45
CA LYS B 385 21.78 11.13 12.81
C LYS B 385 21.33 12.45 13.43
N ASN B 386 20.50 13.19 12.69
CA ASN B 386 19.98 14.48 13.15
C ASN B 386 21.03 15.57 13.27
N ASP B 387 21.91 15.64 12.28
CA ASP B 387 22.96 16.66 12.24
C ASP B 387 22.58 17.63 11.14
N PHE B 388 21.35 18.12 11.21
CA PHE B 388 20.79 19.05 10.23
C PHE B 388 21.74 20.19 9.88
N ASP B 389 22.79 20.36 10.67
CA ASP B 389 23.76 21.42 10.43
C ASP B 389 24.74 21.02 9.34
N LYS B 390 25.73 20.20 9.69
CA LYS B 390 26.74 19.75 8.75
C LYS B 390 26.11 19.09 7.53
N ALA B 391 24.91 18.55 7.71
CA ALA B 391 24.19 17.89 6.63
C ALA B 391 23.65 18.91 5.63
N LEU B 392 23.15 20.02 6.14
CA LEU B 392 22.61 21.07 5.27
C LEU B 392 23.73 21.58 4.38
N LYS B 393 24.91 21.76 4.95
CA LYS B 393 26.07 22.24 4.20
C LYS B 393 26.46 21.18 3.18
N GLN B 394 26.69 19.96 3.67
CA GLN B 394 27.09 18.83 2.83
C GLN B 394 26.21 18.69 1.59
N TYR B 395 25.00 19.24 1.65
CA TYR B 395 24.11 19.19 0.52
C TYR B 395 24.54 20.28 -0.44
N ASP B 396 24.58 21.51 0.05
CA ASP B 396 24.99 22.66 -0.75
C ASP B 396 26.32 22.34 -1.45
N LEU B 397 27.21 21.68 -0.71
CA LEU B 397 28.50 21.28 -1.25
C LEU B 397 28.24 20.41 -2.48
N ALA B 398 27.55 19.29 -2.26
CA ALA B 398 27.24 18.36 -3.33
C ALA B 398 26.45 19.04 -4.45
N ILE B 399 25.52 19.91 -4.08
CA ILE B 399 24.72 20.62 -5.08
C ILE B 399 25.66 21.43 -5.96
N GLU B 400 26.81 21.77 -5.39
CA GLU B 400 27.82 22.55 -6.10
C GLU B 400 28.59 21.64 -7.06
N LEU B 401 29.47 20.80 -6.52
CA LEU B 401 30.25 19.88 -7.34
C LEU B 401 29.40 19.27 -8.45
N GLU B 402 28.11 19.15 -8.20
CA GLU B 402 27.18 18.57 -9.17
C GLU B 402 27.13 19.41 -10.43
N ASN B 403 26.97 20.72 -10.24
CA ASN B 403 26.89 21.64 -11.37
C ASN B 403 28.25 21.87 -12.03
N LYS B 404 29.33 21.56 -11.30
CA LYS B 404 30.68 21.73 -11.83
C LYS B 404 30.99 20.53 -12.72
N LEU B 405 29.95 19.99 -13.35
CA LEU B 405 30.07 18.85 -14.25
C LEU B 405 29.09 19.04 -15.40
N ASP B 406 29.26 18.24 -16.45
CA ASP B 406 28.37 18.33 -17.61
C ASP B 406 27.42 17.14 -17.61
N GLY B 407 27.89 16.02 -17.07
CA GLY B 407 27.09 14.82 -17.02
C GLY B 407 25.83 14.99 -16.19
N ILE B 408 25.39 13.91 -15.56
CA ILE B 408 24.20 13.97 -14.73
C ILE B 408 24.53 13.55 -13.30
N TYR B 409 25.22 12.43 -13.15
CA TYR B 409 25.60 11.91 -11.84
C TYR B 409 24.51 12.16 -10.80
N VAL B 410 24.90 12.43 -9.55
CA VAL B 410 23.94 12.71 -8.50
C VAL B 410 22.96 13.73 -9.06
N GLY B 411 21.79 13.27 -9.47
CA GLY B 411 20.82 14.17 -10.06
C GLY B 411 20.13 15.12 -9.09
N ILE B 412 18.81 15.02 -9.05
CA ILE B 412 17.97 15.86 -8.20
C ILE B 412 18.13 15.51 -6.71
N ALA B 413 18.80 14.41 -6.42
CA ALA B 413 19.00 13.98 -5.04
C ALA B 413 19.32 15.12 -4.08
N PRO B 414 20.39 15.88 -4.34
CA PRO B 414 20.77 17.00 -3.46
C PRO B 414 19.63 18.02 -3.27
N LEU B 415 18.95 18.36 -4.35
CA LEU B 415 17.85 19.32 -4.27
C LEU B 415 16.81 18.88 -3.26
N VAL B 416 16.06 17.84 -3.61
CA VAL B 416 15.03 17.31 -2.74
C VAL B 416 15.63 17.00 -1.37
N GLY B 417 16.86 16.51 -1.39
CA GLY B 417 17.54 16.19 -0.14
C GLY B 417 17.52 17.37 0.82
N LYS B 418 18.07 18.51 0.39
CA LYS B 418 18.10 19.69 1.24
C LYS B 418 16.71 20.29 1.35
N ALA B 419 15.84 20.02 0.37
CA ALA B 419 14.49 20.53 0.41
C ALA B 419 13.77 19.89 1.58
N THR B 420 14.03 18.60 1.79
CA THR B 420 13.43 17.86 2.89
C THR B 420 13.92 18.41 4.22
N LEU B 421 15.20 18.20 4.50
CA LEU B 421 15.79 18.68 5.74
C LEU B 421 15.41 20.14 5.99
N LEU B 422 15.05 20.84 4.92
CA LEU B 422 14.65 22.23 5.01
C LEU B 422 13.27 22.32 5.65
N THR B 423 12.27 21.74 4.99
CA THR B 423 10.91 21.75 5.51
C THR B 423 10.85 20.95 6.81
N ARG B 424 11.98 20.31 7.14
CA ARG B 424 12.07 19.52 8.35
C ARG B 424 11.85 20.40 9.56
N ASN B 425 11.68 21.70 9.29
CA ASN B 425 11.43 22.68 10.33
C ASN B 425 10.71 23.85 9.64
N PRO B 426 9.40 23.72 9.45
CA PRO B 426 8.56 24.74 8.80
C PRO B 426 8.76 26.16 9.31
N THR B 427 9.41 26.97 8.48
CA THR B 427 9.67 28.37 8.79
C THR B 427 9.17 29.20 7.62
N VAL B 428 8.88 30.47 7.85
CA VAL B 428 8.41 31.32 6.76
C VAL B 428 9.48 31.30 5.67
N GLU B 429 10.73 31.22 6.10
CA GLU B 429 11.88 31.18 5.20
C GLU B 429 12.11 29.77 4.69
N ASN B 430 12.04 28.79 5.58
CA ASN B 430 12.26 27.39 5.23
C ASN B 430 11.31 26.87 4.16
N PHE B 431 10.02 27.15 4.31
CA PHE B 431 9.04 26.67 3.33
C PHE B 431 9.16 27.34 1.96
N ILE B 432 9.94 28.40 1.88
CA ILE B 432 10.09 29.08 0.60
C ILE B 432 11.38 28.66 -0.08
N GLU B 433 12.34 28.19 0.71
CA GLU B 433 13.63 27.72 0.19
C GLU B 433 13.39 26.38 -0.52
N ALA B 434 12.89 25.42 0.26
CA ALA B 434 12.61 24.09 -0.26
C ALA B 434 11.60 24.12 -1.39
N THR B 435 10.55 24.92 -1.22
CA THR B 435 9.51 25.02 -2.24
C THR B 435 10.12 25.31 -3.60
N ASN B 436 11.13 26.15 -3.62
CA ASN B 436 11.81 26.48 -4.87
C ASN B 436 12.56 25.25 -5.32
N LEU B 437 13.44 24.75 -4.44
CA LEU B 437 14.23 23.57 -4.72
C LEU B 437 13.42 22.45 -5.37
N LEU B 438 12.20 22.25 -4.90
CA LEU B 438 11.34 21.20 -5.47
C LEU B 438 10.83 21.61 -6.85
N GLU B 439 10.44 22.87 -6.99
CA GLU B 439 9.96 23.40 -8.26
C GLU B 439 11.01 23.06 -9.32
N LYS B 440 12.27 23.32 -9.00
CA LYS B 440 13.37 23.03 -9.90
C LYS B 440 13.56 21.52 -10.00
N ALA B 441 13.63 20.88 -8.84
CA ALA B 441 13.81 19.43 -8.75
C ALA B 441 12.89 18.70 -9.72
N SER B 442 11.64 19.14 -9.78
CA SER B 442 10.65 18.53 -10.65
C SER B 442 10.91 18.95 -12.11
N LYS B 443 11.36 20.19 -12.28
CA LYS B 443 11.67 20.70 -13.61
C LYS B 443 12.66 19.76 -14.28
N LEU B 444 13.76 19.50 -13.59
CA LEU B 444 14.80 18.61 -14.10
C LEU B 444 14.39 17.15 -14.23
N ASP B 445 13.88 16.58 -13.13
CA ASP B 445 13.47 15.18 -13.12
C ASP B 445 11.97 15.02 -12.87
N PRO B 446 11.16 15.26 -13.90
CA PRO B 446 9.69 15.16 -13.86
C PRO B 446 9.13 13.82 -13.41
N ARG B 447 9.99 12.82 -13.30
CA ARG B 447 9.56 11.49 -12.89
C ARG B 447 9.63 11.35 -11.37
N SER B 448 10.77 11.75 -10.81
CA SER B 448 11.01 11.69 -9.37
C SER B 448 9.75 12.03 -8.58
N GLU B 449 9.08 11.01 -8.04
CA GLU B 449 7.86 11.23 -7.27
C GLU B 449 8.10 12.10 -6.04
N GLN B 450 9.23 11.89 -5.37
CA GLN B 450 9.56 12.67 -4.19
C GLN B 450 9.36 14.16 -4.43
N ALA B 451 9.94 14.67 -5.51
CA ALA B 451 9.81 16.06 -5.85
C ALA B 451 8.35 16.49 -5.86
N LYS B 452 7.52 15.68 -6.52
CA LYS B 452 6.09 15.94 -6.63
C LYS B 452 5.38 16.11 -5.29
N ILE B 453 5.34 15.05 -4.48
CA ILE B 453 4.68 15.14 -3.18
C ILE B 453 5.25 16.27 -2.33
N GLY B 454 6.56 16.51 -2.46
CA GLY B 454 7.18 17.57 -1.71
C GLY B 454 6.40 18.85 -1.93
N LEU B 455 6.14 19.19 -3.20
CA LEU B 455 5.37 20.37 -3.54
C LEU B 455 3.98 20.24 -2.96
N ALA B 456 3.33 19.13 -3.28
CA ALA B 456 1.98 18.86 -2.79
C ALA B 456 1.90 19.22 -1.31
N GLN B 457 2.85 18.71 -0.54
CA GLN B 457 2.91 18.98 0.90
C GLN B 457 3.01 20.47 1.15
N MET B 458 3.81 21.16 0.34
CA MET B 458 3.98 22.60 0.48
C MET B 458 2.68 23.29 0.08
N LYS B 459 2.28 23.09 -1.17
CA LYS B 459 1.05 23.68 -1.67
C LYS B 459 -0.06 23.43 -0.66
N LEU B 460 -0.01 22.28 0.01
CA LEU B 460 -1.01 21.94 1.00
C LEU B 460 -1.03 22.98 2.12
N GLN B 461 0.11 23.16 2.78
CA GLN B 461 0.21 24.13 3.86
C GLN B 461 0.12 25.56 3.34
N GLN B 462 0.65 25.79 2.16
CA GLN B 462 0.65 27.12 1.53
C GLN B 462 -0.77 27.65 1.36
N GLU B 463 -1.74 26.87 1.83
CA GLU B 463 -3.15 27.23 1.72
C GLU B 463 -3.61 27.11 0.27
N ASP B 464 -2.80 26.42 -0.53
CA ASP B 464 -3.09 26.19 -1.95
C ASP B 464 -3.66 24.78 -2.09
N ILE B 465 -4.95 24.64 -1.78
CA ILE B 465 -5.63 23.35 -1.84
C ILE B 465 -5.70 22.71 -3.22
N ASP B 466 -6.55 23.25 -4.09
CA ASP B 466 -6.74 22.72 -5.44
C ASP B 466 -5.42 22.33 -6.09
N GLU B 467 -4.41 23.18 -5.94
CA GLU B 467 -3.10 22.92 -6.52
C GLU B 467 -2.50 21.69 -5.83
N ALA B 468 -2.53 21.70 -4.51
CA ALA B 468 -1.99 20.60 -3.71
C ALA B 468 -2.66 19.29 -4.13
N ILE B 469 -3.97 19.32 -4.28
CA ILE B 469 -4.72 18.15 -4.67
C ILE B 469 -4.17 17.60 -5.99
N THR B 470 -3.90 18.49 -6.93
CA THR B 470 -3.37 18.09 -8.23
C THR B 470 -2.00 17.43 -8.06
N LEU B 471 -1.07 18.13 -7.42
CA LEU B 471 0.26 17.59 -7.19
C LEU B 471 0.17 16.21 -6.56
N PHE B 472 -0.76 16.04 -5.63
CA PHE B 472 -0.94 14.75 -4.96
C PHE B 472 -1.43 13.73 -5.97
N GLU B 473 -2.54 14.06 -6.63
CA GLU B 473 -3.12 13.17 -7.63
C GLU B 473 -2.02 12.74 -8.60
N GLU B 474 -1.13 13.67 -8.93
CA GLU B 474 -0.02 13.39 -9.84
C GLU B 474 0.99 12.48 -9.17
N SER B 475 1.31 12.77 -7.92
CA SER B 475 2.27 11.97 -7.16
C SER B 475 1.84 10.52 -7.12
N ALA B 476 0.54 10.29 -7.25
CA ALA B 476 -0.01 8.95 -7.24
C ALA B 476 0.40 8.21 -8.50
N ASP B 477 0.17 8.84 -9.65
CA ASP B 477 0.49 8.26 -10.93
C ASP B 477 1.97 7.91 -11.06
N LEU B 478 2.82 8.64 -10.35
CA LEU B 478 4.26 8.41 -10.42
C LEU B 478 4.81 7.46 -9.35
N ALA B 479 4.08 7.32 -8.24
CA ALA B 479 4.50 6.44 -7.16
C ALA B 479 4.79 5.03 -7.67
N ARG B 480 5.98 4.52 -7.36
CA ARG B 480 6.38 3.18 -7.80
C ARG B 480 5.49 2.04 -7.33
N THR B 481 5.21 1.98 -6.04
CA THR B 481 4.38 0.91 -5.50
C THR B 481 3.03 1.37 -4.96
N MET B 482 2.07 0.45 -4.95
CA MET B 482 0.73 0.73 -4.44
C MET B 482 0.88 1.26 -3.02
N GLU B 483 1.98 0.89 -2.37
CA GLU B 483 2.28 1.32 -1.02
C GLU B 483 2.21 2.85 -1.00
N GLU B 484 3.02 3.50 -1.83
CA GLU B 484 3.01 4.96 -1.89
C GLU B 484 1.73 5.46 -2.56
N LYS B 485 1.22 4.67 -3.50
CA LYS B 485 -0.01 5.03 -4.22
C LYS B 485 -1.10 5.44 -3.25
N LEU B 486 -1.43 4.54 -2.32
CA LEU B 486 -2.47 4.79 -1.33
C LEU B 486 -2.17 6.02 -0.46
N GLN B 487 -0.89 6.27 -0.21
CA GLN B 487 -0.46 7.41 0.60
C GLN B 487 -0.82 8.73 -0.09
N ALA B 488 -0.33 8.89 -1.33
CA ALA B 488 -0.59 10.11 -2.08
C ALA B 488 -2.08 10.33 -2.24
N ILE B 489 -2.84 9.25 -2.41
CA ILE B 489 -4.28 9.37 -2.56
C ILE B 489 -4.94 9.81 -1.25
N THR B 490 -4.40 9.34 -0.13
CA THR B 490 -4.94 9.71 1.17
C THR B 490 -4.99 11.22 1.24
N PHE B 491 -3.82 11.86 1.16
CA PHE B 491 -3.72 13.31 1.21
C PHE B 491 -4.69 13.96 0.24
N ALA B 492 -4.53 13.65 -1.04
CA ALA B 492 -5.38 14.20 -2.09
C ALA B 492 -6.82 14.16 -1.63
N GLU B 493 -7.22 13.03 -1.06
CA GLU B 493 -8.59 12.87 -0.60
C GLU B 493 -8.92 13.75 0.60
N ALA B 494 -7.99 13.84 1.54
CA ALA B 494 -8.19 14.68 2.70
C ALA B 494 -8.34 16.10 2.17
N ALA B 495 -7.44 16.48 1.28
CA ALA B 495 -7.46 17.80 0.67
C ALA B 495 -8.82 18.07 0.03
N LYS B 496 -9.31 17.10 -0.74
CA LYS B 496 -10.60 17.26 -1.38
C LYS B 496 -11.69 17.65 -0.38
N VAL B 497 -11.81 16.90 0.72
CA VAL B 497 -12.84 17.23 1.71
C VAL B 497 -12.58 18.61 2.28
N GLN B 498 -11.30 18.92 2.53
CA GLN B 498 -10.93 20.21 3.07
C GLN B 498 -11.42 21.32 2.14
N GLN B 499 -11.17 21.16 0.84
CA GLN B 499 -11.59 22.15 -0.14
C GLN B 499 -13.09 22.37 -0.07
N ARG B 500 -13.85 21.32 -0.36
CA ARG B 500 -15.31 21.37 -0.33
C ARG B 500 -15.85 22.10 0.89
N ILE B 501 -15.09 22.08 1.97
CA ILE B 501 -15.52 22.74 3.20
C ILE B 501 -15.31 24.23 3.12
N ARG B 502 -14.11 24.64 2.73
CA ARG B 502 -13.77 26.06 2.61
C ARG B 502 -14.62 26.81 1.59
N SER B 503 -15.74 26.23 1.21
CA SER B 503 -16.65 26.86 0.26
C SER B 503 -17.68 27.65 1.06
N ASP B 504 -18.87 27.88 0.49
CA ASP B 504 -19.92 28.64 1.15
C ASP B 504 -19.44 29.17 2.51
N PRO B 505 -18.75 30.30 2.48
CA PRO B 505 -18.18 31.00 3.63
C PRO B 505 -19.00 31.04 4.91
N VAL B 506 -20.21 30.51 4.91
CA VAL B 506 -21.00 30.53 6.12
C VAL B 506 -20.29 29.48 6.97
N LEU B 507 -19.32 28.83 6.33
CA LEU B 507 -18.48 27.78 6.90
C LEU B 507 -17.01 28.13 6.75
N ALA B 508 -16.66 28.70 5.60
CA ALA B 508 -15.27 29.08 5.34
C ALA B 508 -14.73 30.14 6.30
N LYS B 509 -15.55 31.15 6.60
CA LYS B 509 -15.16 32.22 7.50
C LYS B 509 -14.66 31.68 8.83
N LYS B 510 -15.48 30.85 9.48
CA LYS B 510 -15.14 30.25 10.76
C LYS B 510 -13.78 29.56 10.71
N ILE B 511 -13.44 29.03 9.54
CA ILE B 511 -12.17 28.34 9.34
C ILE B 511 -11.01 29.33 9.33
N GLN B 512 -11.31 30.57 8.95
CA GLN B 512 -10.28 31.61 8.88
C GLN B 512 -9.86 32.08 10.26
N GLU B 513 -10.76 31.98 11.23
CA GLU B 513 -10.45 32.39 12.59
C GLU B 513 -9.51 31.37 13.24
N THR B 514 -8.26 31.38 12.80
CA THR B 514 -7.25 30.45 13.33
C THR B 514 -6.50 31.07 14.51
#